data_8K4D
#
_entry.id   8K4D
#
_cell.length_a   79.321
_cell.length_b   132.615
_cell.length_c   148.001
_cell.angle_alpha   90.00
_cell.angle_beta   90.00
_cell.angle_gamma   90.00
#
_symmetry.space_group_name_H-M   'P 21 21 2'
#
loop_
_entity.id
_entity.type
_entity.pdbx_description
1 polymer 'Cohesin subunit SA-2'
2 polymer '64-kDa C-terminal product'
3 polymer CENP-U
#
loop_
_entity_poly.entity_id
_entity_poly.type
_entity_poly.pdbx_seq_one_letter_code
_entity_poly.pdbx_strand_id
1 'polypeptide(L)'
;NMMLFEVVKMGKSAMQSVVDDWIESYKHDRDIALLDLINFFIQCSGCKGVVTAEMFRHMQNSEIIRKMTEEFDEDSGDYP
LTMAGPQWKKFKSSFCEFIGVLVRQCQYSIIYDEYMMDTVISLLTGLSDSQVRAFRHTSTLAAMKLMTALVNVALNLSIN
MDNTQRQYEAERNKMIGKRANERLELLLQKRKELQENQDEIENMMNAIFKGVFVHRYRDAIAEIRAICIEEIGIWMKMYS
DAFLNDSYLKYVGWTMHDKQGEVRLKCLTALQGLYYNKELNSKLELFTSRFKDRIVSMTLDKEYDVAVQAIKLLTLVLQS
SEEVLTAEDCENVYHLVYSAHRPVAVAAGEFLYKKLFSRRDPEEDGMMKRRGRQGPNANLVKTLVFFFLESELHEHAAYL
VDSMWDCATELLKDWECMNSLLLEEPLSGEEALTDRQESALIEIMLCTIRQAAECHPPVGRGTGKRVLTAKEKKTQLDDR
TKITELFAVALPQLLAKYSVDAEKVTNLLQLPQYFDLEIYTTGRLEKHLDALLRQIRNIVEKHTDTDVLEACSKTYHALC
NEEFTIFNRVDISRSQLIDELADKFNRLLEDFLQEGEEPDEDDAYQVLSTLKRITAFHNAHDLSKWDLFACNYKLLKTGI
ENGDMPEQIVIHALQCTHYVILWQLAKITESSSTKEDLLRLKKQMRVFCQICQHYLTNVNTTVKEQAFTILCDILMIFSH
QIMSGGRDMLEPLVYTPDSSLQSELLSFILDHVFIEQDDDNNSADGQQEDEASKIEALHKRRNLLAAFCKLIVYTVVEMN
TAADIFKQYMKYYNDYGDIIKETMSKTRQIDKIQCAKTLILSLQQLFNEMIQENGYNFDRSSSTFSGIKELARRFALTFG
LDQLKTREAIAMLHKDGIEFAFKEPNPQGESHPPLNLAFLDILSEFSSKLLRQDKRTVYVYLEKFMTFQMSLRREDVWLP
LMSYRNSLLAGGDDDTMSVI
;
A
2 'polypeptide(L)'
;MVDPVEPMPTMTDQTTLVPNEEEAFALEPIDITVKETKAKRKRKLIVDSVKELDSKTIRAQLSDYSDIVTTLDLAPPTKK
LMMWKETGGVEKLFSLPAQPLWNNRLLKLFTRCLTPLVPEDLRKRRKGGEADNLDEFLKEF
;
B
3 'polypeptide(L)' IDVFDFPDN C
#
# COMPACT_ATOMS: atom_id res chain seq x y z
N MET A 3 -25.69 -42.49 -2.78
CA MET A 3 -24.55 -42.69 -3.68
C MET A 3 -24.40 -41.46 -4.57
N LEU A 4 -25.41 -40.61 -4.65
CA LEU A 4 -25.38 -39.45 -5.58
C LEU A 4 -24.50 -38.35 -5.05
N PHE A 5 -24.50 -38.10 -3.74
CA PHE A 5 -23.72 -36.95 -3.20
C PHE A 5 -22.23 -37.06 -3.57
N GLU A 6 -21.61 -38.19 -3.26
CA GLU A 6 -20.15 -38.35 -3.49
C GLU A 6 -19.85 -38.27 -4.98
N VAL A 7 -20.80 -38.64 -5.81
CA VAL A 7 -20.63 -38.58 -7.28
C VAL A 7 -20.38 -37.14 -7.68
N VAL A 8 -21.04 -36.19 -7.06
CA VAL A 8 -20.90 -34.78 -7.47
C VAL A 8 -19.64 -34.19 -6.86
N LYS A 9 -19.21 -34.71 -5.72
CA LYS A 9 -17.99 -34.18 -5.06
C LYS A 9 -16.72 -34.77 -5.70
N MET A 10 -16.55 -36.08 -5.59
CA MET A 10 -15.36 -36.80 -6.07
C MET A 10 -15.54 -37.27 -7.51
N GLY A 11 -16.57 -36.77 -8.18
CA GLY A 11 -16.85 -37.22 -9.53
C GLY A 11 -16.26 -36.32 -10.58
N LYS A 12 -15.25 -36.81 -11.28
CA LYS A 12 -14.73 -36.11 -12.47
C LYS A 12 -15.57 -36.44 -13.69
N SER A 13 -16.61 -37.22 -13.49
CA SER A 13 -17.56 -37.52 -14.59
C SER A 13 -18.36 -36.30 -15.01
N ALA A 14 -18.71 -36.28 -16.28
CA ALA A 14 -19.40 -35.14 -16.87
C ALA A 14 -20.78 -34.95 -16.25
N MET A 15 -21.21 -33.71 -16.16
CA MET A 15 -22.41 -33.42 -15.34
C MET A 15 -23.69 -33.87 -16.06
N GLN A 16 -23.74 -33.69 -17.36
CA GLN A 16 -24.90 -34.11 -18.13
C GLN A 16 -25.11 -35.63 -18.05
N SER A 17 -24.03 -36.37 -17.89
CA SER A 17 -24.13 -37.83 -17.74
C SER A 17 -24.86 -38.19 -16.44
N VAL A 18 -24.54 -37.52 -15.37
CA VAL A 18 -25.17 -37.80 -14.05
C VAL A 18 -26.65 -37.48 -14.12
N VAL A 19 -27.03 -36.37 -14.73
CA VAL A 19 -28.47 -36.02 -14.76
C VAL A 19 -29.22 -37.03 -15.60
N ASP A 20 -28.67 -37.45 -16.75
CA ASP A 20 -29.38 -38.38 -17.62
C ASP A 20 -29.52 -39.72 -16.92
N ASP A 21 -28.45 -40.24 -16.32
CA ASP A 21 -28.58 -41.49 -15.57
C ASP A 21 -29.55 -41.35 -14.42
N TRP A 22 -29.68 -40.15 -13.88
CA TRP A 22 -30.69 -39.88 -12.82
C TRP A 22 -32.11 -39.92 -13.38
N ILE A 23 -32.31 -39.26 -14.53
CA ILE A 23 -33.66 -39.23 -15.13
C ILE A 23 -34.07 -40.62 -15.61
N GLU A 24 -33.13 -41.51 -15.87
CA GLU A 24 -33.51 -42.91 -16.18
C GLU A 24 -34.09 -43.54 -14.94
N SER A 25 -33.52 -43.27 -13.77
CA SER A 25 -34.07 -43.77 -12.51
C SER A 25 -35.44 -43.15 -12.22
N TYR A 26 -35.60 -41.88 -12.58
CA TYR A 26 -36.91 -41.22 -12.38
C TYR A 26 -37.97 -41.86 -13.25
N LYS A 27 -37.66 -42.11 -14.52
CA LYS A 27 -38.63 -42.68 -15.46
C LYS A 27 -39.04 -44.10 -15.03
N HIS A 28 -38.13 -44.81 -14.38
CA HIS A 28 -38.41 -46.20 -13.94
C HIS A 28 -39.35 -46.21 -12.74
N ASP A 29 -39.06 -45.40 -11.74
CA ASP A 29 -39.98 -45.21 -10.60
C ASP A 29 -39.67 -43.84 -10.04
N ARG A 30 -40.67 -42.96 -10.00
CA ARG A 30 -40.46 -41.54 -9.65
C ARG A 30 -40.02 -41.44 -8.18
N ASP A 31 -40.62 -42.20 -7.29
CA ASP A 31 -40.44 -41.91 -5.85
C ASP A 31 -39.02 -42.24 -5.37
N ILE A 32 -38.52 -43.40 -5.70
CA ILE A 32 -37.16 -43.81 -5.32
C ILE A 32 -36.16 -42.84 -5.90
N ALA A 33 -36.50 -42.17 -7.00
CA ALA A 33 -35.63 -41.14 -7.58
C ALA A 33 -35.73 -39.80 -6.86
N LEU A 34 -36.91 -39.42 -6.44
CA LEU A 34 -37.08 -38.17 -5.66
C LEU A 34 -36.40 -38.26 -4.31
N LEU A 35 -36.60 -39.36 -3.59
CA LEU A 35 -36.02 -39.53 -2.25
C LEU A 35 -34.50 -39.32 -2.21
N ASP A 36 -33.78 -39.78 -3.22
CA ASP A 36 -32.33 -39.57 -3.28
C ASP A 36 -31.99 -38.18 -3.80
N LEU A 37 -32.91 -37.55 -4.50
CA LEU A 37 -32.70 -36.15 -4.90
C LEU A 37 -32.84 -35.26 -3.69
N ILE A 38 -33.81 -35.54 -2.86
CA ILE A 38 -33.94 -34.83 -1.54
C ILE A 38 -32.68 -35.10 -0.74
N ASN A 39 -32.37 -36.38 -0.52
CA ASN A 39 -31.16 -36.69 0.30
C ASN A 39 -29.92 -36.10 -0.37
N PHE A 40 -29.95 -35.85 -1.67
CA PHE A 40 -28.83 -35.13 -2.28
C PHE A 40 -28.68 -33.73 -1.69
N PHE A 41 -29.80 -33.01 -1.63
CA PHE A 41 -29.81 -31.66 -1.07
C PHE A 41 -29.50 -31.66 0.42
N ILE A 42 -30.16 -32.50 1.18
CA ILE A 42 -29.87 -32.62 2.62
C ILE A 42 -28.39 -32.86 2.82
N GLN A 43 -27.78 -33.68 1.98
CA GLN A 43 -26.36 -34.03 2.12
C GLN A 43 -25.44 -33.06 1.41
N CYS A 44 -25.94 -32.14 0.65
CA CYS A 44 -25.10 -31.06 0.09
C CYS A 44 -24.82 -30.01 1.16
N SER A 45 -25.62 -29.99 2.21
CA SER A 45 -25.44 -29.06 3.32
C SER A 45 -24.49 -29.60 4.37
N GLY A 46 -24.00 -30.81 4.22
CA GLY A 46 -23.13 -31.44 5.20
C GLY A 46 -23.89 -32.22 6.22
N CYS A 47 -25.20 -32.32 6.07
CA CYS A 47 -26.06 -33.06 7.01
C CYS A 47 -25.80 -34.57 6.94
N LYS A 48 -25.20 -35.16 7.96
CA LYS A 48 -24.81 -36.57 7.86
C LYS A 48 -26.00 -37.47 8.18
N GLY A 49 -27.20 -36.94 8.12
CA GLY A 49 -28.38 -37.76 8.30
C GLY A 49 -28.90 -38.32 7.00
N VAL A 50 -29.98 -39.08 7.09
CA VAL A 50 -30.60 -39.71 5.91
C VAL A 50 -32.11 -39.71 6.13
N VAL A 51 -32.82 -39.57 5.04
CA VAL A 51 -34.30 -39.57 5.03
C VAL A 51 -34.78 -40.92 4.53
N THR A 52 -35.81 -41.45 5.18
CA THR A 52 -36.36 -42.77 4.82
C THR A 52 -37.56 -42.62 3.90
N ALA A 53 -38.21 -43.74 3.63
CA ALA A 53 -39.40 -43.82 2.78
C ALA A 53 -40.66 -43.54 3.57
N GLU A 54 -40.70 -43.95 4.83
CA GLU A 54 -41.86 -43.61 5.68
C GLU A 54 -41.95 -42.11 5.89
N MET A 55 -40.81 -41.46 5.96
CA MET A 55 -40.79 -39.97 6.07
C MET A 55 -41.47 -39.33 4.86
N PHE A 56 -40.96 -39.57 3.67
CA PHE A 56 -41.50 -38.97 2.45
C PHE A 56 -42.95 -39.38 2.25
N ARG A 57 -43.37 -40.52 2.80
CA ARG A 57 -44.77 -40.93 2.62
C ARG A 57 -45.70 -40.09 3.49
N HIS A 58 -45.30 -39.82 4.73
CA HIS A 58 -46.23 -39.21 5.70
C HIS A 58 -45.71 -37.94 6.35
N MET A 59 -44.40 -37.82 6.55
CA MET A 59 -43.80 -36.76 7.36
C MET A 59 -43.80 -35.47 6.54
N GLN A 60 -44.09 -34.37 7.19
CA GLN A 60 -44.19 -33.05 6.54
C GLN A 60 -42.82 -32.42 6.38
N ASN A 61 -42.74 -31.42 5.55
CA ASN A 61 -41.43 -30.81 5.20
C ASN A 61 -40.79 -30.16 6.42
N SER A 62 -41.57 -29.42 7.17
CA SER A 62 -41.03 -28.84 8.41
C SER A 62 -40.55 -29.91 9.41
N GLU A 63 -41.23 -31.06 9.42
CA GLU A 63 -40.90 -32.17 10.33
C GLU A 63 -39.61 -32.85 9.90
N ILE A 64 -39.40 -32.98 8.60
CA ILE A 64 -38.18 -33.62 8.06
C ILE A 64 -36.97 -32.75 8.31
N ILE A 65 -37.15 -31.45 8.24
CA ILE A 65 -36.01 -30.52 8.52
C ILE A 65 -35.67 -30.56 10.01
N ARG A 66 -36.69 -30.67 10.85
CA ARG A 66 -36.49 -30.79 12.32
C ARG A 66 -35.68 -32.05 12.62
N LYS A 67 -36.00 -33.16 11.96
CA LYS A 67 -35.30 -34.43 12.23
C LYS A 67 -33.85 -34.35 11.76
N MET A 68 -33.61 -33.78 10.59
CA MET A 68 -32.24 -33.77 10.04
C MET A 68 -31.32 -32.91 10.90
N THR A 69 -31.87 -31.96 11.63
CA THR A 69 -31.11 -31.15 12.59
C THR A 69 -30.82 -31.98 13.83
N GLU A 70 -31.66 -32.92 14.20
CA GLU A 70 -31.31 -33.87 15.28
C GLU A 70 -30.17 -34.79 14.84
N GLU A 71 -30.44 -35.60 13.82
CA GLU A 71 -29.46 -36.51 13.23
C GLU A 71 -28.61 -35.72 12.24
N PHE A 72 -27.96 -34.66 12.70
CA PHE A 72 -27.13 -33.85 11.79
C PHE A 72 -25.72 -34.41 11.94
N ASP A 73 -25.39 -34.77 13.18
CA ASP A 73 -24.16 -35.53 13.52
C ASP A 73 -22.93 -34.80 12.95
N GLU A 74 -22.93 -33.49 13.09
CA GLU A 74 -21.77 -32.71 12.62
C GLU A 74 -20.58 -32.95 13.55
N ASP A 75 -19.43 -32.61 13.05
CA ASP A 75 -18.18 -32.61 13.86
C ASP A 75 -17.68 -31.19 14.12
N SER A 76 -18.01 -30.25 13.25
CA SER A 76 -17.63 -28.86 13.42
C SER A 76 -18.77 -27.96 12.96
N GLY A 77 -18.45 -26.69 12.85
CA GLY A 77 -19.41 -25.68 12.36
C GLY A 77 -19.34 -25.43 10.89
N ASP A 78 -18.48 -26.15 10.18
CA ASP A 78 -18.29 -25.94 8.74
C ASP A 78 -19.26 -26.82 7.97
N TYR A 79 -19.87 -26.27 6.91
CA TYR A 79 -20.64 -27.01 5.90
C TYR A 79 -19.82 -26.94 4.61
N PRO A 80 -20.12 -27.80 3.62
CA PRO A 80 -19.40 -27.76 2.33
C PRO A 80 -19.11 -26.38 1.73
N LEU A 81 -20.16 -25.60 1.55
CA LEU A 81 -20.02 -24.28 0.91
C LEU A 81 -19.07 -23.35 1.64
N THR A 82 -18.71 -23.62 2.89
CA THR A 82 -17.76 -22.77 3.62
C THR A 82 -16.34 -23.31 3.52
N MET A 83 -16.17 -24.62 3.33
CA MET A 83 -14.87 -25.26 3.40
C MET A 83 -13.97 -24.76 2.27
N ALA A 84 -12.68 -24.85 2.51
CA ALA A 84 -11.65 -24.27 1.63
C ALA A 84 -10.89 -25.37 0.93
N GLY A 85 -10.19 -24.97 -0.12
CA GLY A 85 -9.42 -25.89 -0.96
C GLY A 85 -10.08 -26.06 -2.31
N PRO A 86 -9.31 -26.21 -3.40
CA PRO A 86 -9.88 -26.52 -4.69
C PRO A 86 -10.75 -27.77 -4.78
N GLN A 87 -10.49 -28.77 -3.95
CA GLN A 87 -11.36 -29.97 -3.93
C GLN A 87 -12.74 -29.66 -3.35
N TRP A 88 -13.04 -28.40 -3.07
CA TRP A 88 -14.37 -27.98 -2.59
C TRP A 88 -14.97 -26.89 -3.47
N LYS A 89 -14.15 -26.05 -4.09
CA LYS A 89 -14.71 -25.19 -5.15
C LYS A 89 -15.05 -26.02 -6.39
N LYS A 90 -14.41 -27.16 -6.60
CA LYS A 90 -14.96 -28.16 -7.57
C LYS A 90 -16.34 -28.64 -7.13
N PHE A 91 -16.63 -28.50 -5.84
CA PHE A 91 -17.97 -28.87 -5.32
C PHE A 91 -19.02 -27.79 -5.59
N LYS A 92 -18.67 -26.55 -5.26
CA LYS A 92 -19.58 -25.43 -5.52
C LYS A 92 -19.95 -25.43 -7.00
N SER A 93 -19.00 -25.74 -7.87
CA SER A 93 -19.29 -25.78 -9.31
C SER A 93 -20.11 -27.00 -9.69
N SER A 94 -19.69 -28.17 -9.27
CA SER A 94 -20.47 -29.40 -9.59
C SER A 94 -21.89 -29.33 -9.06
N PHE A 95 -22.07 -28.77 -7.85
CA PHE A 95 -23.41 -28.65 -7.26
C PHE A 95 -24.24 -27.69 -8.09
N CYS A 96 -23.69 -26.55 -8.52
CA CYS A 96 -24.51 -25.60 -9.30
C CYS A 96 -24.84 -26.17 -10.68
N GLU A 97 -23.88 -26.84 -11.30
CA GLU A 97 -24.11 -27.37 -12.66
C GLU A 97 -25.07 -28.53 -12.62
N PHE A 98 -25.12 -29.27 -11.52
CA PHE A 98 -26.09 -30.36 -11.41
C PHE A 98 -27.52 -29.86 -11.51
N ILE A 99 -27.80 -28.73 -10.91
CA ILE A 99 -29.20 -28.25 -10.80
C ILE A 99 -29.59 -27.55 -12.07
N GLY A 100 -28.69 -26.79 -12.69
CA GLY A 100 -29.04 -26.16 -13.96
C GLY A 100 -29.24 -27.16 -15.07
N VAL A 101 -28.40 -28.17 -15.12
CA VAL A 101 -28.50 -29.23 -16.13
C VAL A 101 -29.75 -30.08 -15.90
N LEU A 102 -30.05 -30.39 -14.66
CA LEU A 102 -31.24 -31.14 -14.28
C LEU A 102 -32.50 -30.49 -14.85
N VAL A 103 -32.65 -29.18 -14.69
CA VAL A 103 -33.88 -28.53 -15.14
C VAL A 103 -33.90 -28.52 -16.66
N ARG A 104 -32.79 -28.17 -17.27
CA ARG A 104 -32.78 -27.95 -18.71
C ARG A 104 -33.03 -29.26 -19.44
N GLN A 105 -32.60 -30.38 -18.88
CA GLN A 105 -32.88 -31.68 -19.52
C GLN A 105 -34.36 -32.06 -19.35
N CYS A 106 -34.94 -31.74 -18.21
CA CYS A 106 -36.35 -31.95 -17.93
C CYS A 106 -37.23 -30.90 -18.57
N GLN A 107 -36.65 -29.95 -19.24
CA GLN A 107 -37.32 -28.75 -19.73
C GLN A 107 -38.55 -29.10 -20.57
N TYR A 108 -38.52 -30.27 -21.18
CA TYR A 108 -39.54 -30.75 -22.13
C TYR A 108 -40.23 -31.95 -21.49
N SER A 109 -41.48 -31.72 -21.16
CA SER A 109 -42.41 -32.82 -20.74
C SER A 109 -42.25 -33.34 -19.33
N ILE A 110 -41.19 -33.06 -18.58
CA ILE A 110 -41.12 -33.64 -17.22
C ILE A 110 -41.34 -32.57 -16.17
N ILE A 111 -40.80 -31.38 -16.41
CA ILE A 111 -40.96 -30.23 -15.46
C ILE A 111 -42.39 -29.69 -15.59
N TYR A 112 -43.31 -30.53 -16.08
CA TYR A 112 -44.73 -30.12 -16.26
C TYR A 112 -45.65 -31.21 -15.68
N ASP A 113 -45.07 -32.26 -15.11
CA ASP A 113 -45.87 -33.36 -14.50
C ASP A 113 -46.58 -32.81 -13.26
N GLU A 114 -46.26 -31.56 -12.88
CA GLU A 114 -46.88 -30.92 -11.68
C GLU A 114 -46.75 -31.86 -10.49
N TYR A 115 -45.53 -32.35 -10.21
CA TYR A 115 -45.33 -33.28 -9.08
C TYR A 115 -43.86 -33.33 -8.67
N MET A 116 -42.93 -33.08 -9.60
CA MET A 116 -41.50 -33.16 -9.23
C MET A 116 -40.89 -31.80 -8.86
N MET A 117 -40.95 -30.88 -9.80
CA MET A 117 -40.55 -29.49 -9.54
C MET A 117 -41.33 -29.03 -8.32
N ASP A 118 -42.64 -29.24 -8.32
CA ASP A 118 -43.46 -28.89 -7.14
C ASP A 118 -42.81 -29.36 -5.85
N THR A 119 -42.31 -30.59 -5.83
CA THR A 119 -41.75 -31.19 -4.62
C THR A 119 -40.45 -30.51 -4.22
N VAL A 120 -39.54 -30.37 -5.19
CA VAL A 120 -38.18 -29.82 -4.90
C VAL A 120 -38.28 -28.41 -4.33
N ILE A 121 -39.05 -27.57 -5.00
CA ILE A 121 -39.22 -26.16 -4.54
C ILE A 121 -39.78 -26.16 -3.13
N SER A 122 -40.76 -26.98 -2.84
CA SER A 122 -41.38 -27.03 -1.51
C SER A 122 -40.36 -27.43 -0.46
N LEU A 123 -39.41 -28.29 -0.82
CA LEU A 123 -38.36 -28.75 0.14
C LEU A 123 -37.26 -27.68 0.20
N LEU A 124 -36.91 -27.09 -0.93
CA LEU A 124 -35.86 -26.04 -0.98
C LEU A 124 -36.38 -24.77 -0.30
N THR A 125 -37.66 -24.45 -0.51
CA THR A 125 -38.29 -23.25 0.10
C THR A 125 -38.36 -23.45 1.62
N GLY A 126 -38.31 -24.70 2.08
CA GLY A 126 -38.37 -25.01 3.52
C GLY A 126 -37.02 -24.88 4.21
N LEU A 127 -35.99 -25.49 3.63
CA LEU A 127 -34.65 -25.36 4.15
C LEU A 127 -34.20 -23.90 4.08
N SER A 128 -34.76 -23.14 3.15
CA SER A 128 -34.37 -21.73 2.94
C SER A 128 -34.98 -20.81 4.01
N ASP A 129 -35.47 -21.38 5.08
CA ASP A 129 -36.08 -20.65 6.18
C ASP A 129 -35.66 -21.26 7.50
N SER A 130 -34.74 -22.21 7.48
CA SER A 130 -34.25 -22.81 8.73
C SER A 130 -33.16 -21.93 9.33
N GLN A 131 -33.25 -21.69 10.62
CA GLN A 131 -32.16 -21.02 11.36
C GLN A 131 -30.86 -21.79 11.20
N VAL A 132 -30.88 -23.01 10.66
CA VAL A 132 -29.61 -23.75 10.48
C VAL A 132 -28.90 -23.12 9.30
N ARG A 133 -27.71 -22.54 9.50
CA ARG A 133 -27.12 -21.76 8.41
C ARG A 133 -26.80 -22.68 7.23
N ALA A 134 -26.23 -23.84 7.50
CA ALA A 134 -25.87 -24.78 6.43
C ALA A 134 -27.10 -25.11 5.57
N PHE A 135 -28.27 -25.29 6.17
CA PHE A 135 -29.48 -25.53 5.38
C PHE A 135 -29.89 -24.27 4.61
N ARG A 136 -29.86 -23.11 5.25
CA ARG A 136 -30.37 -21.90 4.58
C ARG A 136 -29.43 -21.52 3.44
N HIS A 137 -28.13 -21.59 3.69
CA HIS A 137 -27.15 -21.21 2.68
C HIS A 137 -27.22 -22.17 1.48
N THR A 138 -27.13 -23.45 1.73
CA THR A 138 -27.19 -24.47 0.64
C THR A 138 -28.49 -24.30 -0.17
N SER A 139 -29.62 -24.39 0.51
CA SER A 139 -30.94 -24.36 -0.13
C SER A 139 -31.17 -23.06 -0.89
N THR A 140 -30.55 -21.99 -0.44
CA THR A 140 -30.75 -20.68 -1.11
C THR A 140 -29.87 -20.62 -2.35
N LEU A 141 -28.63 -21.11 -2.27
CA LEU A 141 -27.83 -21.24 -3.50
C LEU A 141 -28.56 -22.11 -4.50
N ALA A 142 -28.96 -23.32 -4.07
CA ALA A 142 -29.78 -24.19 -4.95
C ALA A 142 -30.97 -23.42 -5.54
N ALA A 143 -31.83 -22.89 -4.68
CA ALA A 143 -33.06 -22.25 -5.14
C ALA A 143 -32.74 -21.22 -6.22
N MET A 144 -31.60 -20.53 -6.12
CA MET A 144 -31.31 -19.47 -7.11
C MET A 144 -30.82 -20.09 -8.42
N LYS A 145 -29.99 -21.12 -8.34
CA LYS A 145 -29.54 -21.80 -9.55
C LYS A 145 -30.68 -22.49 -10.26
N LEU A 146 -31.60 -23.04 -9.47
CA LEU A 146 -32.84 -23.58 -10.07
C LEU A 146 -33.68 -22.49 -10.69
N MET A 147 -33.64 -21.29 -10.15
CA MET A 147 -34.50 -20.23 -10.71
C MET A 147 -33.94 -19.74 -12.05
N THR A 148 -32.63 -19.61 -12.14
CA THR A 148 -32.03 -19.21 -13.41
C THR A 148 -32.38 -20.24 -14.47
N ALA A 149 -32.26 -21.52 -14.17
CA ALA A 149 -32.68 -22.58 -15.10
C ALA A 149 -34.09 -22.36 -15.60
N LEU A 150 -35.01 -22.09 -14.69
CA LEU A 150 -36.40 -21.82 -15.07
C LEU A 150 -36.49 -20.60 -15.97
N VAL A 151 -35.62 -19.64 -15.80
CA VAL A 151 -35.65 -18.43 -16.66
C VAL A 151 -35.22 -18.82 -18.07
N ASN A 152 -34.12 -19.53 -18.16
CA ASN A 152 -33.68 -20.11 -19.44
C ASN A 152 -34.78 -20.93 -20.10
N VAL A 153 -35.46 -21.77 -19.32
CA VAL A 153 -36.62 -22.52 -19.84
C VAL A 153 -37.73 -21.57 -20.29
N ALA A 154 -37.96 -20.56 -19.48
CA ALA A 154 -38.99 -19.57 -19.82
C ALA A 154 -38.60 -18.79 -21.07
N LEU A 155 -37.30 -18.61 -21.29
CA LEU A 155 -36.84 -17.88 -22.48
C LEU A 155 -37.11 -18.71 -23.71
N ASN A 156 -36.97 -20.04 -23.61
CA ASN A 156 -37.21 -20.89 -24.79
C ASN A 156 -38.70 -20.97 -25.12
N LEU A 157 -39.52 -20.95 -24.09
CA LEU A 157 -40.98 -20.87 -24.31
C LEU A 157 -41.35 -19.60 -25.02
N SER A 158 -40.67 -18.52 -24.74
CA SER A 158 -40.93 -17.25 -25.45
C SER A 158 -40.60 -17.38 -26.94
N ILE A 159 -39.37 -17.81 -27.20
CA ILE A 159 -38.89 -17.94 -28.61
C ILE A 159 -39.82 -18.86 -29.38
N ASN A 160 -39.92 -20.08 -28.91
CA ASN A 160 -40.69 -21.16 -29.56
C ASN A 160 -42.15 -20.74 -29.75
N MET A 161 -42.64 -19.82 -28.93
CA MET A 161 -44.00 -19.32 -29.08
C MET A 161 -44.10 -18.19 -30.10
N ASP A 162 -43.04 -17.44 -30.26
CA ASP A 162 -42.93 -16.40 -31.32
C ASP A 162 -42.79 -17.09 -32.68
N ASN A 163 -42.03 -18.18 -32.74
CA ASN A 163 -41.79 -18.92 -33.97
C ASN A 163 -43.08 -19.59 -34.41
N THR A 164 -43.91 -20.03 -33.49
CA THR A 164 -45.22 -20.58 -33.86
C THR A 164 -46.12 -19.44 -34.34
N GLN A 165 -46.04 -18.29 -33.71
CA GLN A 165 -46.90 -17.18 -34.19
C GLN A 165 -46.50 -16.79 -35.61
N ARG A 166 -45.21 -16.91 -35.93
CA ARG A 166 -44.78 -16.68 -37.32
C ARG A 166 -45.30 -17.80 -38.23
N GLN A 167 -45.25 -19.02 -37.74
CA GLN A 167 -45.77 -20.21 -38.45
C GLN A 167 -47.25 -20.02 -38.75
N TYR A 168 -47.96 -19.33 -37.87
CA TYR A 168 -49.43 -19.20 -37.96
C TYR A 168 -49.81 -18.20 -39.06
N GLU A 169 -49.38 -16.97 -38.90
CA GLU A 169 -49.80 -15.89 -39.81
C GLU A 169 -49.36 -16.18 -41.23
N ALA A 170 -48.23 -16.86 -41.43
CA ALA A 170 -47.85 -17.26 -42.79
C ALA A 170 -48.88 -18.22 -43.36
N GLU A 171 -49.45 -19.08 -42.52
CA GLU A 171 -50.47 -20.02 -42.96
C GLU A 171 -51.85 -19.38 -43.03
N ARG A 172 -52.01 -18.16 -42.59
CA ARG A 172 -53.23 -17.38 -42.79
C ARG A 172 -53.15 -16.63 -44.10
N ASN A 173 -51.95 -16.18 -44.48
CA ASN A 173 -51.74 -15.47 -45.75
C ASN A 173 -51.55 -16.44 -46.91
N LYS A 174 -51.65 -17.74 -46.69
CA LYS A 174 -51.47 -18.76 -47.75
C LYS A 174 -52.52 -19.88 -47.64
N ALA A 180 -57.64 -26.61 -45.57
CA ALA A 180 -56.35 -25.97 -45.19
C ALA A 180 -56.41 -25.45 -43.75
N ASN A 181 -57.59 -24.99 -43.37
CA ASN A 181 -57.78 -24.36 -42.04
C ASN A 181 -57.39 -25.32 -40.91
N GLU A 182 -57.50 -26.62 -41.14
CA GLU A 182 -57.18 -27.60 -40.11
C GLU A 182 -55.69 -27.60 -39.80
N ARG A 183 -54.86 -26.97 -40.64
CA ARG A 183 -53.42 -26.87 -40.36
C ARG A 183 -53.14 -25.73 -39.39
N LEU A 184 -53.97 -24.69 -39.40
CA LEU A 184 -53.77 -23.59 -38.43
C LEU A 184 -54.57 -23.83 -37.17
N GLU A 185 -55.68 -24.57 -37.21
CA GLU A 185 -56.36 -25.03 -35.99
C GLU A 185 -55.47 -26.00 -35.22
N LEU A 186 -54.62 -26.74 -35.92
CA LEU A 186 -53.59 -27.56 -35.22
C LEU A 186 -52.52 -26.63 -34.66
N LEU A 187 -52.28 -25.48 -35.27
CA LEU A 187 -51.27 -24.54 -34.76
C LEU A 187 -51.79 -23.76 -33.54
N LEU A 188 -52.99 -23.23 -33.58
CA LEU A 188 -53.46 -22.37 -32.48
C LEU A 188 -53.62 -23.18 -31.20
N GLN A 189 -53.78 -24.51 -31.31
CA GLN A 189 -53.74 -25.34 -30.09
C GLN A 189 -52.32 -25.49 -29.61
N LYS A 190 -51.36 -25.62 -30.52
CA LYS A 190 -49.93 -25.61 -30.13
C LYS A 190 -49.62 -24.34 -29.36
N ARG A 191 -50.00 -23.20 -29.96
CA ARG A 191 -49.75 -21.90 -29.31
C ARG A 191 -50.35 -21.91 -27.91
N LYS A 192 -51.55 -22.45 -27.77
CA LYS A 192 -52.19 -22.52 -26.45
C LYS A 192 -51.43 -23.46 -25.52
N GLU A 193 -51.03 -24.63 -25.98
CA GLU A 193 -50.26 -25.55 -25.11
C GLU A 193 -49.00 -24.86 -24.63
N LEU A 194 -48.34 -24.08 -25.48
CA LEU A 194 -47.16 -23.31 -25.06
C LEU A 194 -47.53 -22.25 -24.05
N GLN A 195 -48.69 -21.62 -24.22
CA GLN A 195 -49.17 -20.58 -23.29
C GLN A 195 -49.36 -21.18 -21.88
N GLU A 196 -49.96 -22.35 -21.81
CA GLU A 196 -50.12 -23.05 -20.52
C GLU A 196 -48.76 -23.36 -19.94
N ASN A 197 -47.86 -23.85 -20.72
CA ASN A 197 -46.52 -24.25 -20.26
C ASN A 197 -45.77 -23.05 -19.72
N GLN A 198 -45.98 -21.89 -20.31
CA GLN A 198 -45.33 -20.70 -19.76
C GLN A 198 -45.95 -20.33 -18.41
N ASP A 199 -47.23 -20.57 -18.26
CA ASP A 199 -47.95 -20.21 -17.01
C ASP A 199 -47.50 -21.14 -15.88
N GLU A 200 -47.35 -22.43 -16.13
CA GLU A 200 -46.77 -23.35 -15.16
C GLU A 200 -45.33 -22.98 -14.84
N ILE A 201 -44.60 -22.36 -15.76
CA ILE A 201 -43.18 -22.01 -15.48
C ILE A 201 -43.11 -20.71 -14.69
N GLU A 202 -43.92 -19.73 -15.11
CA GLU A 202 -44.01 -18.45 -14.39
C GLU A 202 -44.37 -18.68 -12.91
N ASN A 203 -45.32 -19.57 -12.66
CA ASN A 203 -45.70 -19.91 -11.28
C ASN A 203 -44.48 -20.34 -10.48
N MET A 204 -43.72 -21.29 -11.00
CA MET A 204 -42.54 -21.77 -10.27
C MET A 204 -41.55 -20.64 -10.01
N MET A 205 -41.36 -19.77 -11.00
CA MET A 205 -40.44 -18.64 -10.80
C MET A 205 -40.94 -17.76 -9.66
N ASN A 206 -42.26 -17.53 -9.66
CA ASN A 206 -42.88 -16.74 -8.59
C ASN A 206 -42.75 -17.42 -7.23
N ALA A 207 -42.96 -18.70 -7.18
CA ALA A 207 -42.83 -19.49 -5.96
C ALA A 207 -41.42 -19.42 -5.39
N ILE A 208 -40.40 -19.24 -6.24
CA ILE A 208 -39.03 -19.14 -5.69
C ILE A 208 -38.68 -17.69 -5.42
N PHE A 209 -39.16 -16.79 -6.24
CA PHE A 209 -38.86 -15.36 -5.97
C PHE A 209 -39.47 -14.85 -4.69
N LYS A 210 -40.76 -15.04 -4.53
CA LYS A 210 -41.52 -14.60 -3.35
C LYS A 210 -41.25 -15.57 -2.19
N GLY A 211 -40.96 -16.80 -2.49
CA GLY A 211 -40.63 -17.79 -1.45
C GLY A 211 -39.25 -17.69 -0.89
N VAL A 212 -38.25 -17.44 -1.72
CA VAL A 212 -36.85 -17.46 -1.26
C VAL A 212 -36.21 -16.07 -1.40
N PHE A 213 -36.29 -15.48 -2.59
CA PHE A 213 -35.46 -14.31 -2.89
C PHE A 213 -35.82 -13.11 -2.00
N VAL A 214 -37.10 -12.80 -1.93
CA VAL A 214 -37.55 -11.59 -1.20
C VAL A 214 -37.28 -11.68 0.29
N HIS A 215 -36.83 -12.83 0.77
CA HIS A 215 -36.41 -12.95 2.18
C HIS A 215 -34.90 -12.97 2.43
N ARG A 216 -34.14 -13.79 1.73
CA ARG A 216 -32.70 -13.97 1.94
C ARG A 216 -31.83 -13.00 1.11
N TYR A 217 -32.47 -12.11 0.37
CA TYR A 217 -31.71 -11.07 -0.34
C TYR A 217 -31.28 -10.15 0.78
N ARG A 218 -32.09 -10.06 1.82
CA ARG A 218 -31.79 -9.24 3.00
C ARG A 218 -31.48 -10.15 4.18
N ASP A 219 -30.97 -11.34 3.93
CA ASP A 219 -30.57 -12.25 5.01
C ASP A 219 -29.56 -11.61 5.96
N ALA A 220 -29.33 -12.26 7.05
CA ALA A 220 -28.36 -11.77 8.04
C ALA A 220 -26.93 -12.14 7.65
N ILE A 221 -26.74 -13.27 7.01
CA ILE A 221 -25.40 -13.71 6.56
C ILE A 221 -25.11 -13.02 5.23
N ALA A 222 -23.99 -12.35 5.18
CA ALA A 222 -23.59 -11.56 4.00
C ALA A 222 -23.43 -12.45 2.77
N GLU A 223 -22.92 -13.67 2.95
CA GLU A 223 -22.67 -14.60 1.85
C GLU A 223 -23.96 -15.00 1.15
N ILE A 224 -25.09 -14.89 1.83
CA ILE A 224 -26.38 -15.25 1.23
C ILE A 224 -27.02 -14.03 0.58
N ARG A 225 -26.58 -12.83 0.90
CA ARG A 225 -27.05 -11.67 0.14
C ARG A 225 -26.30 -11.49 -1.16
N ALA A 226 -25.01 -11.78 -1.15
CA ALA A 226 -24.20 -11.81 -2.36
C ALA A 226 -24.63 -12.92 -3.28
N ILE A 227 -25.22 -13.99 -2.76
CA ILE A 227 -25.75 -15.05 -3.63
C ILE A 227 -26.92 -14.52 -4.47
N CYS A 228 -27.80 -13.76 -3.87
CA CYS A 228 -29.11 -13.47 -4.50
C CYS A 228 -29.02 -12.23 -5.38
N ILE A 229 -28.07 -11.38 -5.12
CA ILE A 229 -27.90 -10.20 -6.02
C ILE A 229 -27.18 -10.64 -7.28
N GLU A 230 -26.22 -11.52 -7.17
CA GLU A 230 -25.54 -12.02 -8.38
C GLU A 230 -26.56 -12.63 -9.34
N GLU A 231 -27.48 -13.42 -8.83
CA GLU A 231 -28.44 -14.13 -9.69
C GLU A 231 -29.52 -13.17 -10.17
N ILE A 232 -29.93 -12.17 -9.39
CA ILE A 232 -30.91 -11.23 -9.96
C ILE A 232 -30.25 -10.44 -11.08
N GLY A 233 -28.95 -10.23 -11.02
CA GLY A 233 -28.24 -9.59 -12.13
C GLY A 233 -28.20 -10.49 -13.33
N ILE A 234 -28.15 -11.77 -13.13
CA ILE A 234 -28.13 -12.70 -14.26
C ILE A 234 -29.51 -12.73 -14.91
N TRP A 235 -30.56 -12.84 -14.14
CA TRP A 235 -31.92 -12.84 -14.72
C TRP A 235 -32.15 -11.61 -15.59
N MET A 236 -31.83 -10.44 -15.04
CA MET A 236 -32.07 -9.21 -15.80
C MET A 236 -31.20 -9.16 -17.04
N LYS A 237 -30.11 -9.87 -17.07
CA LYS A 237 -29.23 -9.84 -18.25
C LYS A 237 -29.73 -10.79 -19.32
N MET A 238 -30.11 -12.02 -18.97
CA MET A 238 -30.28 -13.12 -19.97
C MET A 238 -31.71 -13.14 -20.52
N TYR A 239 -32.68 -12.68 -19.75
CA TYR A 239 -34.06 -12.54 -20.23
C TYR A 239 -34.41 -11.08 -20.02
N SER A 240 -33.55 -10.21 -20.53
CA SER A 240 -33.65 -8.74 -20.29
C SER A 240 -35.01 -8.22 -20.67
N ASP A 241 -35.69 -8.84 -21.62
CA ASP A 241 -37.05 -8.36 -22.01
C ASP A 241 -38.02 -8.46 -20.84
N ALA A 242 -38.07 -9.62 -20.20
CA ALA A 242 -39.07 -9.94 -19.17
C ALA A 242 -38.68 -9.42 -17.79
N PHE A 243 -37.37 -9.29 -17.51
CA PHE A 243 -36.88 -9.11 -16.12
C PHE A 243 -36.18 -7.76 -15.90
N LEU A 244 -35.92 -6.97 -16.94
CA LEU A 244 -35.25 -5.67 -16.69
C LEU A 244 -36.29 -4.61 -16.32
N ASN A 245 -37.10 -4.87 -15.33
CA ASN A 245 -38.09 -3.87 -14.89
C ASN A 245 -37.52 -3.08 -13.73
N ASP A 246 -38.31 -2.17 -13.21
CA ASP A 246 -37.91 -1.50 -11.95
C ASP A 246 -38.28 -2.38 -10.74
N SER A 247 -39.37 -3.12 -10.82
CA SER A 247 -39.76 -4.02 -9.71
C SER A 247 -38.69 -5.07 -9.42
N TYR A 248 -37.80 -5.31 -10.37
CA TYR A 248 -36.57 -6.11 -10.14
C TYR A 248 -35.34 -5.27 -9.86
N LEU A 249 -35.13 -4.16 -10.58
CA LEU A 249 -33.90 -3.38 -10.42
C LEU A 249 -33.81 -2.80 -9.01
N LYS A 250 -34.95 -2.49 -8.41
CA LYS A 250 -35.02 -1.98 -7.02
C LYS A 250 -34.16 -2.83 -6.07
N TYR A 251 -34.28 -4.14 -6.16
CA TYR A 251 -33.55 -5.01 -5.22
C TYR A 251 -32.06 -4.90 -5.43
N VAL A 252 -31.62 -4.21 -6.48
CA VAL A 252 -30.18 -3.95 -6.64
C VAL A 252 -29.86 -2.53 -6.20
N GLY A 253 -30.76 -1.59 -6.46
CA GLY A 253 -30.56 -0.21 -6.03
C GLY A 253 -30.51 -0.07 -4.52
N TRP A 254 -31.26 -0.93 -3.81
CA TRP A 254 -31.21 -0.94 -2.34
C TRP A 254 -29.92 -1.60 -1.85
N THR A 255 -29.61 -2.75 -2.41
CA THR A 255 -28.45 -3.56 -1.95
C THR A 255 -27.10 -2.88 -2.26
N MET A 256 -27.14 -1.81 -3.06
CA MET A 256 -25.94 -0.99 -3.29
C MET A 256 -25.53 -0.26 -2.01
N HIS A 257 -26.40 -0.19 -1.04
CA HIS A 257 -26.13 0.49 0.23
C HIS A 257 -25.75 -0.49 1.33
N ASP A 258 -25.65 -1.77 1.01
CA ASP A 258 -25.34 -2.77 2.04
C ASP A 258 -24.00 -2.47 2.67
N LYS A 259 -23.86 -2.81 3.94
CA LYS A 259 -22.64 -2.43 4.67
C LYS A 259 -21.52 -3.46 4.49
N GLN A 260 -21.81 -4.62 3.94
CA GLN A 260 -20.74 -5.60 3.62
C GLN A 260 -20.23 -5.39 2.20
N GLY A 261 -18.92 -5.44 2.05
CA GLY A 261 -18.27 -5.15 0.76
C GLY A 261 -18.64 -6.18 -0.31
N GLU A 262 -18.50 -7.45 0.04
CA GLU A 262 -18.77 -8.54 -0.93
C GLU A 262 -20.11 -8.31 -1.63
N VAL A 263 -21.06 -7.71 -0.95
CA VAL A 263 -22.38 -7.48 -1.54
C VAL A 263 -22.35 -6.27 -2.46
N ARG A 264 -21.85 -5.14 -2.00
CA ARG A 264 -21.75 -3.92 -2.85
C ARG A 264 -20.98 -4.22 -4.11
N LEU A 265 -20.09 -5.21 -4.12
CA LEU A 265 -19.44 -5.60 -5.40
C LEU A 265 -20.41 -6.33 -6.31
N LYS A 266 -21.06 -7.35 -5.79
CA LYS A 266 -21.97 -8.20 -6.57
C LYS A 266 -23.16 -7.40 -7.06
N CYS A 267 -23.32 -6.15 -6.64
CA CYS A 267 -24.35 -5.27 -7.25
C CYS A 267 -23.83 -4.52 -8.46
N LEU A 268 -22.64 -3.96 -8.32
CA LEU A 268 -22.04 -3.20 -9.43
C LEU A 268 -21.74 -4.10 -10.61
N THR A 269 -21.11 -5.25 -10.38
CA THR A 269 -20.79 -6.17 -11.47
C THR A 269 -22.06 -6.69 -12.13
N ALA A 270 -23.12 -6.91 -11.38
CA ALA A 270 -24.42 -7.27 -12.00
C ALA A 270 -24.97 -6.10 -12.82
N LEU A 271 -24.85 -4.91 -12.26
CA LEU A 271 -25.27 -3.70 -13.02
C LEU A 271 -24.37 -3.48 -14.23
N GLN A 272 -23.12 -3.93 -14.17
CA GLN A 272 -22.20 -3.78 -15.30
C GLN A 272 -22.71 -4.61 -16.48
N GLY A 273 -23.18 -5.82 -16.21
CA GLY A 273 -23.79 -6.64 -17.24
C GLY A 273 -24.91 -5.94 -17.98
N LEU A 274 -25.56 -5.01 -17.31
CA LEU A 274 -26.71 -4.32 -17.93
C LEU A 274 -26.26 -3.15 -18.79
N TYR A 275 -25.03 -2.70 -18.67
CA TYR A 275 -24.63 -1.53 -19.49
C TYR A 275 -23.68 -1.94 -20.60
N TYR A 276 -22.90 -3.00 -20.43
CA TYR A 276 -22.03 -3.41 -21.54
C TYR A 276 -22.85 -3.91 -22.73
N ASN A 277 -23.97 -4.51 -22.43
CA ASN A 277 -24.97 -4.82 -23.48
C ASN A 277 -25.25 -3.48 -24.15
N LYS A 278 -25.58 -2.48 -23.36
CA LYS A 278 -25.85 -1.13 -23.89
C LYS A 278 -26.81 -1.21 -25.05
N GLU A 279 -27.76 -2.13 -25.01
CA GLU A 279 -28.69 -2.35 -26.14
C GLU A 279 -30.00 -1.69 -25.78
N LEU A 280 -30.09 -0.44 -26.20
CA LEU A 280 -31.25 0.45 -26.02
C LEU A 280 -31.75 0.50 -24.56
N ASN A 281 -30.82 0.70 -23.63
CA ASN A 281 -31.23 0.88 -22.22
C ASN A 281 -32.18 2.06 -22.05
N SER A 282 -33.40 1.83 -21.57
CA SER A 282 -34.35 2.93 -21.43
C SER A 282 -34.94 2.87 -20.03
N LYS A 283 -35.10 1.66 -19.51
CA LYS A 283 -35.44 1.50 -18.07
C LYS A 283 -34.23 1.92 -17.23
N LEU A 284 -33.03 1.69 -17.76
CA LEU A 284 -31.83 2.11 -17.02
C LEU A 284 -31.79 3.62 -16.85
N GLU A 285 -32.34 4.36 -17.79
CA GLU A 285 -32.27 5.83 -17.69
C GLU A 285 -32.94 6.28 -16.38
N LEU A 286 -34.00 5.60 -15.98
CA LEU A 286 -34.67 5.98 -14.71
C LEU A 286 -33.86 5.51 -13.50
N PHE A 287 -33.40 4.28 -13.54
CA PHE A 287 -32.57 3.72 -12.47
C PHE A 287 -31.27 4.50 -12.30
N THR A 288 -30.73 5.09 -13.36
CA THR A 288 -29.52 5.92 -13.16
C THR A 288 -29.92 7.19 -12.45
N SER A 289 -31.07 7.76 -12.81
CA SER A 289 -31.44 9.07 -12.26
C SER A 289 -31.36 9.11 -10.74
N ARG A 290 -31.98 8.12 -10.12
CA ARG A 290 -32.04 7.96 -8.66
C ARG A 290 -30.71 7.54 -8.03
N PHE A 291 -29.97 6.64 -8.63
CA PHE A 291 -28.79 6.06 -7.97
C PHE A 291 -27.47 6.56 -8.51
N LYS A 292 -27.50 7.52 -9.43
CA LYS A 292 -26.25 8.05 -10.03
C LYS A 292 -25.35 8.56 -8.90
N ASP A 293 -25.91 9.31 -7.97
CA ASP A 293 -25.14 9.94 -6.88
C ASP A 293 -24.51 8.85 -6.02
N ARG A 294 -25.24 7.78 -5.74
CA ARG A 294 -24.62 6.72 -4.93
C ARG A 294 -23.47 6.05 -5.68
N ILE A 295 -23.66 5.78 -6.96
CA ILE A 295 -22.60 5.07 -7.75
C ILE A 295 -21.37 5.96 -7.80
N VAL A 296 -21.56 7.26 -8.02
CA VAL A 296 -20.42 8.20 -8.03
C VAL A 296 -19.74 8.15 -6.67
N SER A 297 -20.51 8.19 -5.59
CA SER A 297 -19.90 8.09 -4.24
C SER A 297 -19.04 6.82 -4.13
N MET A 298 -19.44 5.74 -4.76
CA MET A 298 -18.77 4.43 -4.53
C MET A 298 -17.37 4.39 -5.10
N THR A 299 -16.98 5.36 -5.90
CA THR A 299 -15.60 5.41 -6.39
C THR A 299 -14.63 5.66 -5.25
N LEU A 300 -15.14 6.01 -4.08
CA LEU A 300 -14.33 6.10 -2.84
C LEU A 300 -14.90 5.11 -1.82
N ASP A 301 -15.42 3.99 -2.26
CA ASP A 301 -15.88 2.97 -1.29
C ASP A 301 -14.69 2.56 -0.41
N LYS A 302 -15.01 2.22 0.82
CA LYS A 302 -13.97 1.85 1.79
C LYS A 302 -13.23 0.61 1.29
N GLU A 303 -13.93 -0.31 0.65
CA GLU A 303 -13.29 -1.45 0.01
C GLU A 303 -12.92 -1.04 -1.39
N TYR A 304 -11.75 -1.39 -1.91
CA TYR A 304 -11.27 -0.76 -3.17
C TYR A 304 -11.78 -1.52 -4.40
N ASP A 305 -11.97 -2.83 -4.23
CA ASP A 305 -12.48 -3.63 -5.37
C ASP A 305 -13.77 -2.95 -5.81
N VAL A 306 -14.57 -2.56 -4.84
CA VAL A 306 -15.85 -1.86 -5.16
C VAL A 306 -15.51 -0.57 -5.89
N ALA A 307 -14.53 0.19 -5.39
CA ALA A 307 -14.23 1.48 -6.01
C ALA A 307 -13.86 1.32 -7.47
N VAL A 308 -13.02 0.33 -7.76
CA VAL A 308 -12.67 0.06 -9.19
C VAL A 308 -13.94 -0.17 -10.01
N GLN A 309 -14.75 -1.13 -9.60
CA GLN A 309 -15.95 -1.47 -10.36
C GLN A 309 -16.89 -0.30 -10.39
N ALA A 310 -16.87 0.60 -9.42
CA ALA A 310 -17.71 1.80 -9.47
C ALA A 310 -17.22 2.75 -10.57
N ILE A 311 -15.91 2.92 -10.63
CA ILE A 311 -15.32 3.72 -11.73
C ILE A 311 -15.59 3.04 -13.09
N LYS A 312 -15.21 1.79 -13.20
CA LYS A 312 -15.42 1.05 -14.45
C LYS A 312 -16.89 1.13 -14.86
N LEU A 313 -17.79 1.02 -13.92
CA LEU A 313 -19.24 1.13 -14.25
C LEU A 313 -19.55 2.53 -14.80
N LEU A 314 -19.01 3.58 -14.19
CA LEU A 314 -19.30 4.94 -14.65
C LEU A 314 -18.81 5.17 -16.07
N THR A 315 -17.76 4.48 -16.49
CA THR A 315 -17.33 4.60 -17.89
C THR A 315 -18.41 3.99 -18.79
N LEU A 316 -18.93 2.82 -18.40
CA LEU A 316 -20.02 2.21 -19.18
C LEU A 316 -21.27 3.06 -19.15
N VAL A 317 -21.43 3.93 -18.20
CA VAL A 317 -22.52 4.90 -18.18
C VAL A 317 -22.18 6.07 -19.09
N LEU A 318 -20.91 6.40 -19.20
CA LEU A 318 -20.49 7.50 -20.08
C LEU A 318 -20.72 7.13 -21.54
N GLN A 319 -20.31 5.96 -21.95
CA GLN A 319 -20.49 5.52 -23.35
C GLN A 319 -21.96 5.41 -23.69
N SER A 320 -22.80 5.07 -22.73
CA SER A 320 -24.23 4.82 -23.01
C SER A 320 -24.99 6.11 -23.22
N SER A 321 -24.62 7.18 -22.52
CA SER A 321 -25.43 8.42 -22.54
C SER A 321 -24.60 9.71 -22.56
N GLU A 322 -23.63 9.79 -21.67
CA GLU A 322 -22.73 10.97 -21.55
C GLU A 322 -23.48 12.21 -21.08
N GLU A 323 -24.80 12.15 -21.04
CA GLU A 323 -25.66 13.31 -20.70
C GLU A 323 -25.95 13.38 -19.20
N VAL A 324 -25.55 12.37 -18.42
CA VAL A 324 -26.14 12.13 -17.08
C VAL A 324 -25.21 12.50 -15.93
N LEU A 325 -23.98 12.94 -16.22
CA LEU A 325 -22.91 12.94 -15.22
C LEU A 325 -22.53 14.33 -14.74
N THR A 326 -23.31 15.36 -15.04
CA THR A 326 -23.07 16.71 -14.53
C THR A 326 -21.62 17.13 -14.76
N ALA A 327 -21.07 17.87 -13.81
CA ALA A 327 -19.70 18.39 -13.92
C ALA A 327 -18.90 17.93 -12.71
N GLU A 328 -19.35 18.26 -11.52
CA GLU A 328 -18.70 17.84 -10.27
C GLU A 328 -18.57 16.33 -10.26
N ASP A 329 -19.54 15.61 -10.82
CA ASP A 329 -19.43 14.13 -10.79
C ASP A 329 -18.16 13.68 -11.51
N CYS A 330 -18.01 14.12 -12.74
CA CYS A 330 -16.84 13.78 -13.58
C CYS A 330 -15.57 14.27 -12.94
N GLU A 331 -15.56 15.50 -12.47
CA GLU A 331 -14.35 16.09 -11.84
C GLU A 331 -13.90 15.25 -10.64
N ASN A 332 -14.85 14.69 -9.91
CA ASN A 332 -14.52 13.87 -8.73
C ASN A 332 -13.80 12.60 -9.17
N VAL A 333 -14.27 11.99 -10.24
CA VAL A 333 -13.62 10.75 -10.72
C VAL A 333 -12.22 11.10 -11.22
N TYR A 334 -12.03 12.27 -11.81
CA TYR A 334 -10.70 12.65 -12.34
C TYR A 334 -9.62 12.62 -11.26
N HIS A 335 -9.95 13.14 -10.09
CA HIS A 335 -8.96 13.22 -8.98
C HIS A 335 -8.45 11.84 -8.60
N LEU A 336 -9.22 10.80 -8.84
CA LEU A 336 -8.79 9.44 -8.42
C LEU A 336 -7.54 9.00 -9.16
N VAL A 337 -7.16 9.66 -10.24
CA VAL A 337 -5.93 9.24 -10.96
C VAL A 337 -4.71 9.42 -10.04
N TYR A 338 -4.84 10.22 -9.00
CA TYR A 338 -3.75 10.44 -8.06
C TYR A 338 -3.84 9.51 -6.86
N SER A 339 -4.81 8.62 -6.83
CA SER A 339 -4.99 7.69 -5.72
C SER A 339 -3.74 6.82 -5.54
N ALA A 340 -3.64 6.25 -4.36
CA ALA A 340 -2.47 5.40 -4.04
C ALA A 340 -2.66 3.99 -4.59
N HIS A 341 -3.90 3.53 -4.68
CA HIS A 341 -4.21 2.19 -5.20
C HIS A 341 -4.23 2.26 -6.71
N ARG A 342 -3.33 1.54 -7.34
CA ARG A 342 -3.17 1.62 -8.81
C ARG A 342 -4.41 1.15 -9.57
N PRO A 343 -5.06 0.03 -9.21
CA PRO A 343 -6.27 -0.38 -9.93
C PRO A 343 -7.35 0.72 -10.01
N VAL A 344 -7.53 1.47 -8.95
CA VAL A 344 -8.46 2.61 -9.00
C VAL A 344 -7.93 3.65 -9.97
N ALA A 345 -6.64 3.88 -9.92
CA ALA A 345 -6.02 4.99 -10.69
C ALA A 345 -6.12 4.74 -12.20
N VAL A 346 -5.74 3.55 -12.63
CA VAL A 346 -5.75 3.19 -14.07
C VAL A 346 -7.18 3.23 -14.61
N ALA A 347 -8.16 2.82 -13.81
CA ALA A 347 -9.56 2.84 -14.25
C ALA A 347 -10.15 4.24 -14.12
N ALA A 348 -9.57 5.07 -13.26
CA ALA A 348 -9.92 6.50 -13.22
C ALA A 348 -9.46 7.15 -14.51
N GLY A 349 -8.23 6.88 -14.93
CA GLY A 349 -7.68 7.46 -16.15
C GLY A 349 -8.35 6.90 -17.37
N GLU A 350 -8.85 5.67 -17.32
CA GLU A 350 -9.69 5.18 -18.45
C GLU A 350 -10.92 6.04 -18.59
N PHE A 351 -11.51 6.47 -17.49
CA PHE A 351 -12.69 7.34 -17.49
C PHE A 351 -12.30 8.75 -17.94
N LEU A 352 -11.08 9.16 -17.65
CA LEU A 352 -10.60 10.49 -18.10
C LEU A 352 -10.32 10.51 -19.61
N TYR A 353 -9.57 9.54 -20.09
CA TYR A 353 -9.27 9.46 -21.53
C TYR A 353 -10.55 9.39 -22.33
N LYS A 354 -11.45 8.48 -21.98
CA LYS A 354 -12.75 8.36 -22.65
C LYS A 354 -13.58 9.64 -22.62
N LYS A 355 -13.26 10.56 -21.72
CA LYS A 355 -14.12 11.74 -21.48
C LYS A 355 -13.55 13.02 -22.06
N LEU A 356 -12.22 13.13 -22.17
CA LEU A 356 -11.57 14.39 -22.61
C LEU A 356 -10.58 14.22 -23.76
N PHE A 357 -10.31 13.00 -24.24
CA PHE A 357 -9.39 12.80 -25.37
C PHE A 357 -10.09 11.94 -26.42
N SER A 358 -10.42 12.53 -27.55
CA SER A 358 -11.06 11.81 -28.67
C SER A 358 -10.63 12.40 -30.02
N GLN A 374 0.90 21.59 -34.76
CA GLN A 374 2.28 21.03 -34.65
C GLN A 374 2.30 19.50 -34.84
N GLY A 375 1.11 18.88 -34.89
CA GLY A 375 0.92 17.43 -35.00
C GLY A 375 -0.51 17.04 -34.62
N PRO A 376 -0.87 15.76 -34.81
CA PRO A 376 -2.20 15.34 -34.41
C PRO A 376 -2.43 15.32 -32.91
N ASN A 377 -1.45 14.83 -32.17
CA ASN A 377 -1.49 14.80 -30.69
C ASN A 377 -1.20 16.16 -30.07
N ALA A 378 -0.84 17.16 -30.87
CA ALA A 378 -0.52 18.48 -30.31
C ALA A 378 -1.70 19.02 -29.53
N ASN A 379 -2.91 18.85 -30.08
CA ASN A 379 -4.12 19.25 -29.34
C ASN A 379 -4.22 18.45 -28.04
N LEU A 380 -3.87 17.17 -28.09
CA LEU A 380 -4.07 16.31 -26.92
C LEU A 380 -3.08 16.63 -25.81
N VAL A 381 -1.84 16.89 -26.16
CA VAL A 381 -0.80 17.15 -25.15
C VAL A 381 -1.09 18.44 -24.41
N LYS A 382 -1.53 19.49 -25.11
CA LYS A 382 -1.99 20.70 -24.41
C LYS A 382 -3.10 20.34 -23.41
N THR A 383 -4.03 19.48 -23.81
CA THR A 383 -5.15 19.10 -22.92
C THR A 383 -4.61 18.48 -21.62
N LEU A 384 -3.71 17.52 -21.75
CA LEU A 384 -3.11 16.86 -20.59
C LEU A 384 -2.44 17.89 -19.70
N VAL A 385 -1.62 18.74 -20.33
CA VAL A 385 -0.90 19.77 -19.55
C VAL A 385 -1.89 20.61 -18.74
N PHE A 386 -2.87 21.20 -19.43
CA PHE A 386 -3.85 22.05 -18.76
C PHE A 386 -4.53 21.27 -17.63
N PHE A 387 -4.85 20.01 -17.88
CA PHE A 387 -5.50 19.18 -16.83
C PHE A 387 -4.57 19.03 -15.63
N PHE A 388 -3.29 18.73 -15.87
CA PHE A 388 -2.32 18.56 -14.79
C PHE A 388 -2.16 19.82 -13.93
N LEU A 389 -2.28 20.97 -14.57
CA LEU A 389 -2.16 22.28 -13.91
C LEU A 389 -3.43 22.65 -13.17
N GLU A 390 -4.59 22.20 -13.65
CA GLU A 390 -5.87 22.63 -13.07
C GLU A 390 -6.18 21.90 -11.76
N SER A 391 -6.01 20.59 -11.75
CA SER A 391 -6.27 19.79 -10.54
C SER A 391 -5.05 19.79 -9.63
N GLU A 392 -4.84 20.86 -8.87
CA GLU A 392 -3.64 20.96 -8.01
C GLU A 392 -3.85 20.09 -6.78
N LEU A 393 -3.56 18.81 -6.97
CA LEU A 393 -3.37 17.84 -5.87
C LEU A 393 -1.94 17.31 -5.81
N HIS A 394 -1.28 17.29 -6.96
CA HIS A 394 0.10 16.78 -7.11
C HIS A 394 1.01 17.87 -7.67
N GLU A 395 2.16 18.06 -7.03
CA GLU A 395 3.19 18.99 -7.53
C GLU A 395 3.97 18.38 -8.67
N HIS A 396 3.67 17.15 -9.06
CA HIS A 396 4.44 16.47 -10.11
C HIS A 396 3.59 15.39 -10.76
N ALA A 397 4.01 14.95 -11.94
CA ALA A 397 3.17 14.17 -12.85
C ALA A 397 3.50 12.68 -12.80
N ALA A 398 4.28 12.22 -11.84
CA ALA A 398 4.76 10.82 -11.87
C ALA A 398 3.54 9.87 -11.82
N TYR A 399 2.60 10.20 -10.95
CA TYR A 399 1.41 9.33 -10.76
C TYR A 399 0.33 9.62 -11.78
N LEU A 400 0.23 10.88 -12.20
CA LEU A 400 -0.64 11.22 -13.35
C LEU A 400 -0.23 10.39 -14.55
N VAL A 401 1.06 10.22 -14.79
CA VAL A 401 1.49 9.47 -16.01
C VAL A 401 1.15 8.00 -15.90
N ASP A 402 1.38 7.39 -14.75
CA ASP A 402 1.11 5.96 -14.57
C ASP A 402 -0.37 5.67 -14.63
N SER A 403 -1.21 6.60 -14.19
CA SER A 403 -2.68 6.38 -14.23
C SER A 403 -3.18 6.15 -15.63
N MET A 404 -2.50 6.74 -16.61
CA MET A 404 -2.91 6.64 -18.01
C MET A 404 -1.89 5.93 -18.90
N TRP A 405 -0.92 5.28 -18.29
CA TRP A 405 0.03 4.50 -19.10
C TRP A 405 -0.65 3.39 -19.85
N ASP A 406 -1.75 2.88 -19.30
CA ASP A 406 -2.50 1.80 -19.95
C ASP A 406 -3.52 2.35 -20.95
N CYS A 407 -4.01 3.56 -20.74
CA CYS A 407 -5.03 4.12 -21.65
C CYS A 407 -4.42 4.68 -22.95
N ALA A 408 -3.57 5.67 -22.82
CA ALA A 408 -3.06 6.47 -23.95
C ALA A 408 -1.55 6.31 -24.03
N THR A 409 -1.08 5.21 -24.59
CA THR A 409 0.37 4.89 -24.57
C THR A 409 1.07 5.46 -25.80
N GLU A 410 0.37 5.59 -26.93
CA GLU A 410 0.93 6.20 -28.13
C GLU A 410 0.95 7.71 -27.99
N LEU A 411 0.18 8.29 -27.08
CA LEU A 411 0.19 9.76 -26.87
C LEU A 411 1.31 10.13 -25.92
N LEU A 412 1.45 9.39 -24.83
CA LEU A 412 2.49 9.70 -23.83
C LEU A 412 3.90 9.47 -24.37
N LYS A 413 4.03 8.76 -25.48
CA LYS A 413 5.36 8.44 -26.07
C LYS A 413 5.61 9.21 -27.36
N ASP A 414 4.70 10.12 -27.72
CA ASP A 414 4.94 11.02 -28.87
C ASP A 414 5.83 12.17 -28.41
N TRP A 415 7.10 11.86 -28.27
CA TRP A 415 8.08 12.83 -27.75
C TRP A 415 8.42 13.86 -28.79
N GLU A 416 8.33 13.53 -30.07
CA GLU A 416 8.45 14.57 -31.11
C GLU A 416 7.39 15.66 -30.91
N CYS A 417 6.19 15.26 -30.54
CA CYS A 417 5.08 16.22 -30.42
C CYS A 417 5.35 17.18 -29.25
N MET A 418 5.85 16.66 -28.15
CA MET A 418 6.18 17.53 -27.00
C MET A 418 7.40 18.39 -27.30
N ASN A 419 8.36 17.83 -28.01
CA ASN A 419 9.64 18.49 -28.31
C ASN A 419 9.38 19.73 -29.17
N SER A 420 8.69 19.55 -30.28
CA SER A 420 8.26 20.70 -31.12
C SER A 420 7.44 21.76 -30.38
N LEU A 421 6.59 21.30 -29.46
CA LEU A 421 5.70 22.25 -28.74
C LEU A 421 6.47 23.10 -27.76
N LEU A 422 7.73 22.75 -27.50
CA LEU A 422 8.58 23.53 -26.57
C LEU A 422 9.55 24.41 -27.33
N LEU A 423 9.88 24.03 -28.58
CA LEU A 423 10.82 24.77 -29.42
C LEU A 423 10.10 25.51 -30.52
N GLU A 424 9.41 24.77 -31.40
CA GLU A 424 8.79 25.40 -32.60
C GLU A 424 7.80 26.51 -32.24
N GLU A 425 8.13 27.74 -32.58
CA GLU A 425 7.28 28.88 -32.19
C GLU A 425 5.90 28.72 -32.82
N PRO A 426 4.87 29.44 -32.31
CA PRO A 426 3.49 29.21 -32.76
C PRO A 426 3.29 29.42 -34.27
N LEU A 427 2.20 28.84 -34.82
CA LEU A 427 1.88 28.94 -36.27
C LEU A 427 1.07 30.22 -36.54
N SER A 428 -0.02 30.43 -35.79
CA SER A 428 -1.06 31.47 -36.05
C SER A 428 -0.70 32.80 -35.35
N ALA A 432 0.28 30.34 -28.35
CA ALA A 432 1.57 30.47 -27.64
C ALA A 432 1.72 29.37 -26.57
N LEU A 433 2.19 29.74 -25.41
CA LEU A 433 2.47 28.82 -24.29
C LEU A 433 2.93 29.71 -23.14
N THR A 434 2.51 29.35 -21.94
CA THR A 434 2.82 30.18 -20.76
C THR A 434 3.95 29.50 -19.99
N ASP A 435 4.69 30.28 -19.21
CA ASP A 435 5.83 29.75 -18.42
C ASP A 435 5.39 28.60 -17.53
N ARG A 436 4.15 28.64 -17.07
CA ARG A 436 3.64 27.58 -16.19
C ARG A 436 3.36 26.29 -16.97
N GLN A 437 2.80 26.44 -18.15
CA GLN A 437 2.57 25.28 -19.03
C GLN A 437 3.87 24.74 -19.59
N GLU A 438 4.85 25.60 -19.84
CA GLU A 438 6.21 25.15 -20.18
C GLU A 438 6.78 24.29 -19.06
N SER A 439 6.76 24.80 -17.83
CA SER A 439 7.34 24.10 -16.68
C SER A 439 6.47 22.93 -16.23
N ALA A 440 5.34 22.73 -16.89
CA ALA A 440 4.50 21.54 -16.72
C ALA A 440 4.73 20.50 -17.82
N LEU A 441 4.87 20.95 -19.06
CA LEU A 441 5.04 20.02 -20.19
C LEU A 441 6.36 19.25 -20.04
N ILE A 442 7.38 19.95 -19.57
CA ILE A 442 8.68 19.29 -19.27
C ILE A 442 8.47 18.25 -18.18
N GLU A 443 7.70 18.55 -17.14
CA GLU A 443 7.53 17.58 -16.05
C GLU A 443 6.87 16.32 -16.58
N ILE A 444 5.80 16.47 -17.35
CA ILE A 444 5.12 15.32 -17.95
C ILE A 444 6.05 14.59 -18.92
N MET A 445 6.87 15.31 -19.63
CA MET A 445 7.80 14.69 -20.60
C MET A 445 8.81 13.84 -19.86
N LEU A 446 9.35 14.32 -18.72
CA LEU A 446 10.34 13.53 -18.00
C LEU A 446 9.70 12.25 -17.46
N CYS A 447 8.50 12.32 -16.94
CA CYS A 447 7.86 11.16 -16.30
C CYS A 447 7.59 10.08 -17.34
N THR A 448 7.07 10.48 -18.50
CA THR A 448 6.85 9.51 -19.59
C THR A 448 8.16 8.86 -20.00
N ILE A 449 9.23 9.65 -20.05
CA ILE A 449 10.55 9.16 -20.46
C ILE A 449 11.04 8.14 -19.45
N ARG A 450 10.91 8.43 -18.17
CA ARG A 450 11.37 7.49 -17.11
C ARG A 450 10.55 6.21 -17.17
N GLN A 451 9.23 6.32 -17.18
CA GLN A 451 8.40 5.09 -17.20
C GLN A 451 8.60 4.34 -18.52
N ALA A 452 9.05 5.03 -19.57
CA ALA A 452 9.39 4.34 -20.83
C ALA A 452 10.71 3.59 -20.67
N ALA A 453 11.73 4.27 -20.20
CA ALA A 453 13.08 3.66 -20.11
C ALA A 453 13.09 2.48 -19.15
N GLU A 454 12.91 2.73 -17.87
CA GLU A 454 12.74 1.63 -16.90
C GLU A 454 11.26 1.26 -16.94
N CYS A 455 10.95 0.01 -17.26
CA CYS A 455 9.57 -0.40 -17.59
C CYS A 455 8.82 -0.80 -16.32
N HIS A 456 8.62 0.12 -15.41
CA HIS A 456 7.87 -0.20 -14.18
C HIS A 456 7.29 1.07 -13.61
N PRO A 457 6.09 0.99 -12.99
CA PRO A 457 5.43 2.15 -12.41
C PRO A 457 6.19 2.74 -11.24
N PRO A 458 5.84 3.95 -10.78
CA PRO A 458 6.56 4.55 -9.66
C PRO A 458 6.26 3.88 -8.35
N VAL A 459 7.04 4.26 -7.34
CA VAL A 459 6.88 3.71 -5.97
C VAL A 459 5.44 3.91 -5.49
N GLY A 460 4.86 2.86 -4.91
CA GLY A 460 3.48 2.92 -4.41
C GLY A 460 2.43 2.59 -5.45
N ARG A 461 2.85 2.03 -6.60
CA ARG A 461 1.91 1.65 -7.66
C ARG A 461 2.24 0.28 -8.22
N GLY A 462 3.50 0.02 -8.50
CA GLY A 462 3.91 -1.30 -8.98
C GLY A 462 3.77 -2.37 -7.93
N THR A 463 3.32 -3.55 -8.35
CA THR A 463 3.04 -4.62 -7.38
C THR A 463 4.33 -5.20 -6.82
N GLY A 464 5.30 -5.51 -7.67
CA GLY A 464 6.58 -5.99 -7.16
C GLY A 464 7.67 -5.74 -8.17
N LYS A 465 8.65 -6.62 -8.21
CA LYS A 465 9.69 -6.62 -9.27
C LYS A 465 9.24 -7.53 -10.40
N ARG A 466 8.16 -7.14 -11.07
CA ARG A 466 7.57 -7.99 -12.12
C ARG A 466 8.59 -8.18 -13.23
N VAL A 467 8.91 -9.43 -13.59
CA VAL A 467 9.91 -9.67 -14.66
C VAL A 467 9.38 -9.20 -16.00
N LEU A 468 10.27 -8.70 -16.85
CA LEU A 468 9.86 -8.07 -18.11
C LEU A 468 9.52 -9.12 -19.15
N THR A 469 8.42 -8.90 -19.84
CA THR A 469 8.04 -9.81 -20.95
C THR A 469 9.04 -9.68 -22.10
N ALA A 470 9.28 -10.78 -22.84
CA ALA A 470 10.16 -10.76 -24.01
C ALA A 470 9.67 -9.75 -25.02
N LYS A 471 8.36 -9.61 -25.17
CA LYS A 471 7.78 -8.57 -26.02
C LYS A 471 8.01 -7.18 -25.43
N GLU A 472 7.95 -7.08 -24.12
CA GLU A 472 8.16 -5.82 -23.41
C GLU A 472 9.63 -5.40 -23.48
N LYS A 473 10.58 -6.33 -23.38
CA LYS A 473 12.03 -5.99 -23.47
C LYS A 473 12.31 -5.38 -24.81
N LYS A 474 11.65 -5.83 -25.87
CA LYS A 474 11.84 -5.23 -27.21
C LYS A 474 11.19 -3.86 -27.21
N THR A 475 9.98 -3.74 -26.67
CA THR A 475 9.33 -2.42 -26.60
C THR A 475 10.09 -1.48 -25.67
N GLN A 476 10.95 -2.04 -24.82
CA GLN A 476 11.73 -1.26 -23.87
C GLN A 476 13.03 -0.72 -24.47
N LEU A 477 13.71 -1.56 -25.25
CA LEU A 477 14.95 -1.15 -25.91
C LEU A 477 14.67 -0.28 -27.14
N ASP A 478 13.47 -0.33 -27.67
CA ASP A 478 13.10 0.41 -28.89
C ASP A 478 12.98 1.89 -28.54
N ASP A 479 12.14 2.24 -27.58
CA ASP A 479 11.92 3.66 -27.21
C ASP A 479 13.12 4.19 -26.40
N ARG A 480 13.81 3.32 -25.67
CA ARG A 480 15.05 3.73 -24.99
C ARG A 480 16.00 4.37 -26.00
N THR A 481 16.15 3.79 -27.17
CA THR A 481 16.98 4.37 -28.24
C THR A 481 16.27 5.58 -28.85
N LYS A 482 15.00 5.41 -29.13
CA LYS A 482 14.20 6.54 -29.66
C LYS A 482 14.31 7.75 -28.75
N ILE A 483 14.50 7.53 -27.44
CA ILE A 483 14.68 8.65 -26.51
C ILE A 483 16.10 9.19 -26.63
N THR A 484 17.09 8.31 -26.63
CA THR A 484 18.48 8.70 -26.69
C THR A 484 18.77 9.41 -28.01
N GLU A 485 18.30 8.86 -29.11
CA GLU A 485 18.52 9.40 -30.46
C GLU A 485 17.89 10.78 -30.56
N LEU A 486 16.64 10.91 -30.14
CA LEU A 486 15.85 12.14 -30.35
C LEU A 486 16.40 13.27 -29.47
N PHE A 487 16.72 12.99 -28.23
CA PHE A 487 16.95 14.10 -27.26
C PHE A 487 18.41 14.47 -27.13
N ALA A 488 19.30 13.56 -27.50
CA ALA A 488 20.74 13.89 -27.56
C ALA A 488 20.97 15.12 -28.41
N VAL A 489 20.22 15.22 -29.51
CA VAL A 489 20.23 16.45 -30.35
C VAL A 489 19.41 17.57 -29.70
N ALA A 490 18.23 17.24 -29.19
CA ALA A 490 17.26 18.24 -28.79
C ALA A 490 17.47 18.72 -27.36
N LEU A 491 18.10 17.92 -26.52
CA LEU A 491 18.27 18.30 -25.10
C LEU A 491 19.10 19.57 -24.96
N PRO A 492 20.27 19.73 -25.61
CA PRO A 492 21.01 20.97 -25.49
C PRO A 492 20.24 22.22 -25.94
N GLN A 493 19.37 22.07 -26.95
CA GLN A 493 18.54 23.20 -27.39
C GLN A 493 17.60 23.60 -26.28
N LEU A 494 16.89 22.64 -25.69
CA LEU A 494 15.99 22.91 -24.56
C LEU A 494 16.75 23.51 -23.38
N LEU A 495 17.95 23.01 -23.10
CA LEU A 495 18.74 23.50 -21.96
C LEU A 495 19.31 24.86 -22.25
N ALA A 496 19.27 25.30 -23.50
CA ALA A 496 19.68 26.63 -23.93
C ALA A 496 18.53 27.64 -23.93
N LYS A 497 17.30 27.17 -24.14
CA LYS A 497 16.16 28.10 -24.19
C LYS A 497 15.55 28.31 -22.81
N TYR A 498 15.73 27.36 -21.90
CA TYR A 498 15.18 27.50 -20.52
C TYR A 498 16.28 27.47 -19.48
N SER A 499 17.47 27.92 -19.85
CA SER A 499 18.65 27.83 -18.95
C SER A 499 18.44 28.62 -17.66
N VAL A 500 17.48 29.54 -17.66
CA VAL A 500 17.40 30.53 -16.54
C VAL A 500 16.48 30.07 -15.42
N ASP A 501 15.35 29.46 -15.76
CA ASP A 501 14.41 28.98 -14.72
C ASP A 501 15.00 27.72 -14.12
N ALA A 502 15.39 27.75 -12.86
CA ALA A 502 16.06 26.61 -12.22
C ALA A 502 15.11 25.44 -12.05
N GLU A 503 13.85 25.72 -11.74
CA GLU A 503 12.80 24.71 -11.65
C GLU A 503 12.70 23.93 -12.95
N LYS A 504 13.04 24.53 -14.08
CA LYS A 504 12.91 23.82 -15.36
C LYS A 504 14.13 22.94 -15.63
N VAL A 505 15.32 23.49 -15.48
CA VAL A 505 16.56 22.78 -15.93
C VAL A 505 16.72 21.49 -15.15
N THR A 506 16.37 21.50 -13.87
CA THR A 506 16.52 20.32 -12.99
C THR A 506 15.78 19.12 -13.60
N ASN A 507 14.58 19.33 -14.07
CA ASN A 507 13.86 18.26 -14.78
C ASN A 507 14.61 17.84 -16.03
N LEU A 508 15.18 18.81 -16.70
CA LEU A 508 15.85 18.60 -18.00
C LEU A 508 17.30 18.11 -17.91
N LEU A 509 17.80 17.94 -16.69
CA LEU A 509 19.13 17.44 -16.42
C LEU A 509 18.88 16.08 -15.78
N GLN A 510 17.72 15.47 -16.03
CA GLN A 510 17.50 14.04 -15.67
C GLN A 510 17.50 13.14 -16.90
N LEU A 511 17.38 13.71 -18.08
CA LEU A 511 17.20 12.90 -19.31
C LEU A 511 18.38 11.98 -19.57
N PRO A 512 19.64 12.38 -19.32
CA PRO A 512 20.75 11.43 -19.53
C PRO A 512 20.72 10.11 -18.75
N GLN A 513 20.15 10.13 -17.56
CA GLN A 513 20.08 8.90 -16.74
C GLN A 513 19.49 7.75 -17.55
N TYR A 514 18.67 8.07 -18.55
CA TYR A 514 17.94 7.06 -19.32
C TYR A 514 18.47 6.89 -20.75
N PHE A 515 19.54 7.60 -21.09
CA PHE A 515 20.19 7.47 -22.40
C PHE A 515 20.80 6.07 -22.57
N ASP A 516 21.06 5.69 -23.81
CA ASP A 516 21.89 4.52 -24.17
C ASP A 516 23.17 5.10 -24.79
N LEU A 517 24.23 5.27 -24.01
CA LEU A 517 25.39 6.10 -24.43
C LEU A 517 26.12 5.48 -25.63
N GLU A 518 25.73 4.30 -26.08
CA GLU A 518 26.42 3.66 -27.21
C GLU A 518 26.09 4.43 -28.50
N ILE A 519 24.91 5.05 -28.57
CA ILE A 519 24.42 5.76 -29.79
C ILE A 519 25.00 7.16 -29.93
N TYR A 520 25.77 7.68 -28.99
CA TYR A 520 26.42 9.00 -29.21
C TYR A 520 27.61 8.81 -30.14
N THR A 521 28.35 7.73 -29.96
CA THR A 521 29.53 7.43 -30.83
C THR A 521 28.99 6.90 -32.16
N THR A 522 28.14 5.88 -32.11
CA THR A 522 27.45 5.37 -33.31
C THR A 522 26.58 6.48 -33.88
N GLY A 523 26.92 6.95 -35.09
CA GLY A 523 26.20 8.05 -35.75
C GLY A 523 26.79 9.40 -35.36
N ARG A 524 27.23 10.19 -36.35
CA ARG A 524 27.84 11.52 -36.11
C ARG A 524 26.96 12.33 -35.15
N LEU A 525 27.26 12.26 -33.84
CA LEU A 525 26.46 12.98 -32.81
C LEU A 525 27.40 13.55 -31.74
N GLU A 526 28.69 13.22 -31.79
CA GLU A 526 29.66 13.73 -30.80
C GLU A 526 29.57 15.25 -30.74
N LYS A 527 29.17 15.91 -31.82
CA LYS A 527 29.02 17.36 -31.83
C LYS A 527 27.98 17.78 -30.81
N HIS A 528 26.91 17.01 -30.65
CA HIS A 528 25.79 17.40 -29.81
C HIS A 528 26.12 17.25 -28.34
N LEU A 529 26.84 16.23 -27.96
CA LEU A 529 27.33 16.11 -26.59
C LEU A 529 28.18 17.32 -26.23
N ASP A 530 28.97 17.84 -27.14
CA ASP A 530 29.76 19.04 -26.87
C ASP A 530 28.82 20.21 -26.64
N ALA A 531 27.79 20.33 -27.44
CA ALA A 531 26.80 21.38 -27.22
C ALA A 531 26.07 21.20 -25.90
N LEU A 532 25.97 19.95 -25.45
CA LEU A 532 25.34 19.67 -24.13
C LEU A 532 26.26 20.10 -22.97
N LEU A 533 27.47 19.55 -22.94
CA LEU A 533 28.44 19.85 -21.88
C LEU A 533 28.72 21.35 -21.79
N ARG A 534 28.83 22.01 -22.94
CA ARG A 534 29.04 23.45 -22.93
C ARG A 534 27.79 24.14 -22.39
N GLN A 535 26.64 23.52 -22.55
CA GLN A 535 25.40 24.07 -21.97
C GLN A 535 25.27 23.76 -20.48
N ILE A 536 25.74 22.58 -20.08
CA ILE A 536 25.66 22.19 -18.63
C ILE A 536 26.52 23.17 -17.81
N ARG A 537 27.81 23.23 -18.14
CA ARG A 537 28.72 24.11 -17.40
C ARG A 537 28.31 25.58 -17.56
N ASN A 538 27.40 25.88 -18.47
CA ASN A 538 26.85 27.24 -18.56
C ASN A 538 25.90 27.52 -17.40
N ILE A 539 25.11 26.55 -17.03
CA ILE A 539 24.09 26.77 -15.98
C ILE A 539 24.74 26.63 -14.61
N VAL A 540 25.79 25.80 -14.49
CA VAL A 540 26.47 25.70 -13.18
C VAL A 540 27.27 26.96 -12.89
N GLU A 541 27.57 27.76 -13.89
CA GLU A 541 28.22 29.07 -13.70
C GLU A 541 27.20 30.11 -13.27
N LYS A 542 25.92 29.87 -13.54
CA LYS A 542 24.85 30.87 -13.35
C LYS A 542 24.01 30.57 -12.10
N HIS A 543 23.72 29.30 -11.83
CA HIS A 543 22.82 28.94 -10.72
C HIS A 543 23.59 28.76 -9.42
N THR A 544 22.83 28.82 -8.35
CA THR A 544 23.28 28.49 -6.98
C THR A 544 22.34 27.48 -6.32
N ASP A 545 21.18 27.24 -6.94
CA ASP A 545 20.16 26.37 -6.32
C ASP A 545 20.72 24.99 -6.06
N THR A 546 20.55 24.47 -4.84
CA THR A 546 21.20 23.23 -4.44
C THR A 546 20.65 22.05 -5.22
N ASP A 547 19.43 22.14 -5.75
CA ASP A 547 18.83 21.01 -6.49
C ASP A 547 19.30 20.96 -7.93
N VAL A 548 19.69 22.10 -8.49
CA VAL A 548 20.19 22.11 -9.89
C VAL A 548 21.54 21.43 -9.95
N LEU A 549 22.43 21.74 -9.02
CA LEU A 549 23.81 21.22 -9.09
C LEU A 549 23.84 19.73 -8.76
N GLU A 550 22.96 19.27 -7.88
CA GLU A 550 22.85 17.84 -7.59
C GLU A 550 22.46 17.07 -8.86
N ALA A 551 21.75 17.71 -9.77
CA ALA A 551 21.39 17.07 -11.04
C ALA A 551 22.49 17.26 -12.06
N CYS A 552 23.18 18.40 -12.05
CA CYS A 552 24.39 18.58 -12.88
C CYS A 552 25.46 17.55 -12.50
N SER A 553 25.62 17.32 -11.21
CA SER A 553 26.62 16.36 -10.71
C SER A 553 26.24 14.93 -11.13
N LYS A 554 24.98 14.54 -10.97
CA LYS A 554 24.60 13.17 -11.31
C LYS A 554 24.56 13.03 -12.82
N THR A 555 24.54 14.13 -13.55
CA THR A 555 24.67 14.04 -15.03
C THR A 555 26.08 13.62 -15.41
N TYR A 556 27.05 14.40 -14.96
CA TYR A 556 28.48 14.10 -15.17
C TYR A 556 28.85 12.71 -14.66
N HIS A 557 28.22 12.26 -13.58
CA HIS A 557 28.50 10.91 -13.05
C HIS A 557 27.91 9.84 -13.94
N ALA A 558 26.93 10.19 -14.76
CA ALA A 558 26.32 9.22 -15.69
C ALA A 558 27.11 9.17 -17.01
N LEU A 559 27.59 10.33 -17.46
CA LEU A 559 28.36 10.41 -18.70
C LEU A 559 29.81 9.98 -18.53
N CYS A 560 30.29 9.88 -17.30
CA CYS A 560 31.63 9.36 -17.00
C CYS A 560 31.51 7.89 -16.58
N ASN A 561 31.32 7.06 -17.59
CA ASN A 561 31.14 5.61 -17.43
C ASN A 561 32.27 4.86 -18.16
N GLU A 562 32.80 3.86 -17.50
CA GLU A 562 34.01 3.14 -18.01
C GLU A 562 33.65 2.28 -19.23
N GLU A 563 32.42 1.77 -19.27
CA GLU A 563 32.00 0.89 -20.36
C GLU A 563 32.03 1.65 -21.69
N PHE A 564 31.56 2.89 -21.71
CA PHE A 564 31.14 3.51 -22.99
C PHE A 564 32.30 4.27 -23.67
N THR A 565 32.10 4.51 -24.94
CA THR A 565 33.16 5.04 -25.86
C THR A 565 33.60 6.51 -25.66
N ILE A 566 32.99 7.22 -24.73
CA ILE A 566 33.25 8.66 -24.41
C ILE A 566 33.60 9.12 -22.96
N PHE A 567 34.11 8.22 -22.11
CA PHE A 567 34.53 8.51 -20.74
C PHE A 567 35.47 9.70 -20.83
N ASN A 568 36.34 9.66 -21.83
CA ASN A 568 37.44 10.63 -21.98
C ASN A 568 36.90 12.00 -22.37
N ARG A 569 36.02 12.04 -23.37
CA ARG A 569 35.56 13.34 -23.90
C ARG A 569 34.82 14.15 -22.85
N VAL A 570 34.32 13.49 -21.81
CA VAL A 570 33.55 14.15 -20.72
C VAL A 570 34.45 14.36 -19.51
N ASP A 571 35.33 13.41 -19.21
CA ASP A 571 36.29 13.61 -18.10
C ASP A 571 37.13 14.86 -18.31
N ILE A 572 37.42 15.21 -19.57
CA ILE A 572 38.06 16.51 -19.90
C ILE A 572 37.21 17.63 -19.29
N SER A 573 35.99 17.81 -19.80
CA SER A 573 35.10 18.90 -19.35
C SER A 573 34.92 18.78 -17.85
N ARG A 574 34.85 17.55 -17.34
CA ARG A 574 34.70 17.37 -15.88
C ARG A 574 35.89 18.02 -15.15
N SER A 575 37.09 17.55 -15.44
CA SER A 575 38.30 18.08 -14.77
C SER A 575 38.58 19.50 -15.21
N GLN A 576 38.21 19.86 -16.44
CA GLN A 576 38.38 21.21 -16.99
C GLN A 576 37.48 22.17 -16.22
N LEU A 577 36.30 21.72 -15.84
CA LEU A 577 35.37 22.61 -15.11
C LEU A 577 35.80 22.81 -13.66
N ILE A 578 36.13 21.73 -12.99
CA ILE A 578 36.54 21.78 -11.57
C ILE A 578 37.81 22.60 -11.41
N ASP A 579 38.65 22.61 -12.46
CA ASP A 579 39.82 23.54 -12.44
C ASP A 579 39.37 24.99 -12.27
N GLU A 580 38.48 25.43 -13.12
CA GLU A 580 37.88 26.77 -13.04
C GLU A 580 37.21 26.98 -11.68
N LEU A 581 36.72 25.90 -11.08
CA LEU A 581 36.12 26.00 -9.73
C LEU A 581 37.19 26.21 -8.67
N ALA A 582 38.11 25.27 -8.54
CA ALA A 582 39.14 25.31 -7.48
C ALA A 582 39.97 26.58 -7.59
N ASP A 583 40.33 26.99 -8.80
CA ASP A 583 41.10 28.25 -9.00
C ASP A 583 40.34 29.43 -8.40
N LYS A 584 39.02 29.44 -8.58
CA LYS A 584 38.19 30.50 -7.96
C LYS A 584 38.17 30.30 -6.43
N PHE A 585 37.72 29.14 -6.00
CA PHE A 585 37.45 28.86 -4.57
C PHE A 585 38.67 29.24 -3.72
N ASN A 586 39.84 28.83 -4.14
CA ASN A 586 41.08 29.20 -3.42
C ASN A 586 41.22 30.71 -3.31
N ARG A 587 41.10 31.43 -4.41
CA ARG A 587 41.26 32.89 -4.39
C ARG A 587 40.21 33.50 -3.46
N LEU A 588 39.01 32.94 -3.43
CA LEU A 588 37.96 33.51 -2.55
C LEU A 588 38.32 33.30 -1.09
N LEU A 589 39.06 32.25 -0.73
CA LEU A 589 39.34 32.01 0.69
C LEU A 589 40.38 32.98 1.25
N GLU A 590 41.43 33.26 0.50
CA GLU A 590 42.54 34.07 1.03
C GLU A 590 42.07 35.47 1.39
N ASP A 591 41.00 35.95 0.76
CA ASP A 591 40.42 37.27 1.05
C ASP A 591 39.34 37.18 2.11
N PHE A 592 38.63 36.06 2.19
CA PHE A 592 37.52 35.90 3.13
C PHE A 592 37.99 35.51 4.52
N LEU A 593 39.20 34.97 4.65
CA LEU A 593 39.71 34.48 5.94
C LEU A 593 40.95 35.27 6.38
N GLN A 594 40.99 36.55 6.07
CA GLN A 594 42.09 37.42 6.50
C GLN A 594 41.76 38.05 7.84
N GLU A 595 42.80 38.25 8.64
CA GLU A 595 42.60 38.78 10.02
C GLU A 595 42.06 40.20 9.99
N GLY A 596 42.65 41.04 9.16
CA GLY A 596 42.30 42.46 9.14
C GLY A 596 40.91 42.74 8.62
N GLU A 597 40.65 42.45 7.35
CA GLU A 597 39.35 42.77 6.74
C GLU A 597 38.22 42.01 7.42
N GLU A 598 37.14 42.71 7.68
CA GLU A 598 35.88 42.06 8.09
C GLU A 598 35.02 41.82 6.85
N PRO A 599 34.95 40.57 6.35
CA PRO A 599 34.12 40.27 5.21
C PRO A 599 32.63 40.56 5.46
N ASP A 600 31.94 40.70 4.35
CA ASP A 600 30.53 41.17 4.31
C ASP A 600 29.46 40.24 3.76
N GLU A 601 28.22 40.71 3.78
CA GLU A 601 27.09 39.86 3.30
C GLU A 601 27.20 39.22 1.88
N ASP A 602 27.31 40.10 0.89
CA ASP A 602 27.61 39.67 -0.48
C ASP A 602 28.95 39.00 -0.85
N ASP A 603 29.95 39.24 -0.02
CA ASP A 603 31.26 38.56 -0.16
C ASP A 603 31.05 37.12 0.31
N ALA A 604 30.17 36.94 1.29
CA ALA A 604 29.76 35.61 1.76
C ALA A 604 28.89 34.88 0.74
N TYR A 605 28.04 35.60 0.01
CA TYR A 605 27.26 34.99 -1.08
C TYR A 605 28.21 34.37 -2.11
N GLN A 606 29.36 35.01 -2.30
CA GLN A 606 30.31 34.57 -3.33
C GLN A 606 30.92 33.23 -2.93
N VAL A 607 31.36 33.14 -1.68
CA VAL A 607 32.03 31.92 -1.22
C VAL A 607 31.02 30.79 -1.14
N LEU A 608 29.79 31.10 -0.74
CA LEU A 608 28.74 30.06 -0.68
C LEU A 608 28.42 29.49 -2.06
N SER A 609 28.30 30.36 -3.06
CA SER A 609 28.00 29.92 -4.44
C SER A 609 28.98 28.88 -4.91
N THR A 610 30.27 29.23 -4.99
CA THR A 610 31.27 28.26 -5.47
C THR A 610 31.46 27.11 -4.50
N LEU A 611 31.06 27.26 -3.23
CA LEU A 611 31.14 26.14 -2.27
C LEU A 611 30.08 25.11 -2.58
N LYS A 612 28.86 25.57 -2.76
CA LYS A 612 27.75 24.70 -3.18
C LYS A 612 28.20 24.01 -4.47
N ARG A 613 28.75 24.78 -5.38
CA ARG A 613 29.16 24.28 -6.70
C ARG A 613 30.14 23.11 -6.56
N ILE A 614 30.96 23.17 -5.52
CA ILE A 614 31.95 22.10 -5.23
C ILE A 614 31.33 20.95 -4.44
N THR A 615 30.56 21.27 -3.41
CA THR A 615 30.05 20.24 -2.51
C THR A 615 29.28 19.22 -3.32
N ALA A 616 28.37 19.66 -4.16
CA ALA A 616 27.54 18.75 -4.94
C ALA A 616 28.34 17.93 -5.92
N PHE A 617 29.53 18.37 -6.29
CA PHE A 617 30.38 17.60 -7.22
C PHE A 617 31.26 16.60 -6.47
N HIS A 618 31.55 16.85 -5.20
CA HIS A 618 32.41 15.96 -4.44
C HIS A 618 31.68 14.67 -4.11
N ASN A 619 30.35 14.71 -4.07
CA ASN A 619 29.53 13.56 -3.66
C ASN A 619 29.54 12.46 -4.73
N ALA A 620 29.72 12.81 -5.99
CA ALA A 620 29.60 11.81 -7.07
C ALA A 620 30.88 11.73 -7.92
N HIS A 621 31.93 12.44 -7.54
CA HIS A 621 33.17 12.49 -8.34
C HIS A 621 34.39 12.47 -7.43
N ASP A 622 35.35 11.60 -7.73
CA ASP A 622 36.63 11.54 -7.02
C ASP A 622 37.21 12.92 -7.24
N LEU A 623 37.38 13.68 -6.18
CA LEU A 623 37.94 15.06 -6.26
C LEU A 623 39.04 15.14 -5.22
N SER A 624 39.56 14.00 -4.77
CA SER A 624 40.81 13.99 -3.98
C SER A 624 42.01 14.40 -4.83
N LYS A 625 41.89 14.28 -6.14
CA LYS A 625 42.92 14.77 -7.09
C LYS A 625 43.06 16.28 -6.98
N TRP A 626 42.21 16.91 -6.19
CA TRP A 626 42.31 18.37 -5.88
C TRP A 626 42.64 18.63 -4.41
N ASP A 627 42.51 17.61 -3.56
CA ASP A 627 42.88 17.68 -2.12
C ASP A 627 42.26 18.92 -1.47
N LEU A 628 40.94 18.97 -1.40
CA LEU A 628 40.23 20.17 -0.87
C LEU A 628 40.18 20.19 0.64
N PHE A 629 40.84 19.28 1.33
CA PHE A 629 40.70 19.20 2.79
C PHE A 629 41.18 20.48 3.44
N ALA A 630 42.22 21.10 2.88
CA ALA A 630 42.83 22.27 3.52
C ALA A 630 41.81 23.40 3.73
N CYS A 631 41.20 23.83 2.63
CA CYS A 631 40.37 25.04 2.61
C CYS A 631 39.14 24.86 3.48
N ASN A 632 38.59 23.65 3.57
CA ASN A 632 37.43 23.40 4.42
C ASN A 632 37.87 23.34 5.86
N TYR A 633 38.94 22.59 6.15
CA TYR A 633 39.47 22.52 7.51
C TYR A 633 39.83 23.91 7.99
N LYS A 634 40.42 24.73 7.14
CA LYS A 634 40.67 26.14 7.49
C LYS A 634 39.38 26.91 7.69
N LEU A 635 38.39 26.65 6.85
CA LEU A 635 37.10 27.36 6.99
C LEU A 635 36.38 26.96 8.29
N LEU A 636 36.37 25.67 8.59
CA LEU A 636 35.65 25.20 9.79
C LEU A 636 36.28 25.78 11.05
N LYS A 637 37.61 25.77 11.09
CA LYS A 637 38.34 26.28 12.25
C LYS A 637 37.91 27.73 12.55
N THR A 638 37.57 28.50 11.52
CA THR A 638 37.11 29.89 11.75
C THR A 638 35.72 29.90 12.38
N GLY A 639 34.83 29.05 11.90
CA GLY A 639 33.42 29.12 12.31
C GLY A 639 33.22 28.83 13.78
N ILE A 640 33.93 27.84 14.30
CA ILE A 640 33.84 27.49 15.72
C ILE A 640 34.65 28.48 16.55
N GLU A 641 35.72 29.02 16.02
CA GLU A 641 36.55 29.97 16.77
C GLU A 641 35.80 31.28 17.04
N ASN A 642 35.49 32.00 15.98
CA ASN A 642 34.86 33.34 16.10
C ASN A 642 33.35 33.25 16.28
N GLY A 643 32.75 32.11 15.94
CA GLY A 643 31.31 31.95 16.18
C GLY A 643 30.43 32.86 15.35
N ASP A 644 30.85 33.17 14.13
CA ASP A 644 30.05 34.06 13.25
C ASP A 644 30.27 33.61 11.81
N MET A 645 29.62 32.52 11.43
CA MET A 645 29.77 31.95 10.08
C MET A 645 28.36 31.60 9.61
N PRO A 646 28.01 31.94 8.36
CA PRO A 646 26.69 31.61 7.82
C PRO A 646 26.44 30.10 7.85
N GLU A 647 25.23 29.78 8.25
CA GLU A 647 24.76 28.38 8.38
C GLU A 647 24.98 27.63 7.08
N GLN A 648 24.74 28.26 5.94
CA GLN A 648 24.81 27.55 4.66
C GLN A 648 26.26 27.25 4.30
N ILE A 649 27.21 28.01 4.81
CA ILE A 649 28.63 27.70 4.58
C ILE A 649 29.07 26.51 5.44
N VAL A 650 28.81 26.56 6.73
CA VAL A 650 29.17 25.45 7.64
C VAL A 650 28.47 24.17 7.23
N ILE A 651 27.20 24.25 6.89
CA ILE A 651 26.48 23.04 6.40
C ILE A 651 27.16 22.48 5.15
N HIS A 652 27.48 23.34 4.21
CA HIS A 652 28.16 22.90 2.99
C HIS A 652 29.63 22.60 3.27
N ALA A 653 30.23 23.19 4.32
CA ALA A 653 31.61 22.83 4.66
C ALA A 653 31.63 21.38 5.16
N LEU A 654 30.90 21.07 6.21
CA LEU A 654 30.90 19.72 6.79
C LEU A 654 30.65 18.69 5.70
N GLN A 655 29.70 18.96 4.83
CA GLN A 655 29.42 18.09 3.70
C GLN A 655 30.68 17.88 2.88
N CYS A 656 31.19 18.95 2.30
CA CYS A 656 32.34 18.84 1.41
C CYS A 656 33.52 18.13 2.06
N THR A 657 33.74 18.43 3.34
CA THR A 657 34.74 17.74 4.17
C THR A 657 34.48 16.24 4.15
N HIS A 658 33.33 15.86 4.70
CA HIS A 658 32.87 14.47 4.78
C HIS A 658 33.14 13.78 3.44
N TYR A 659 32.96 14.47 2.33
CA TYR A 659 33.10 13.88 0.99
C TYR A 659 34.55 13.69 0.59
N VAL A 660 35.48 14.36 1.25
CA VAL A 660 36.91 14.16 0.93
C VAL A 660 37.44 12.97 1.69
N ILE A 661 36.93 12.73 2.88
CA ILE A 661 37.40 11.61 3.74
C ILE A 661 36.88 10.30 3.16
N LEU A 662 35.65 10.30 2.64
CA LEU A 662 35.12 9.05 2.06
C LEU A 662 35.76 8.73 0.72
N TRP A 663 36.27 9.73 0.02
CA TRP A 663 36.87 9.51 -1.31
C TRP A 663 38.30 8.99 -1.15
N GLN A 664 39.07 9.58 -0.25
CA GLN A 664 40.40 9.05 0.07
C GLN A 664 40.28 7.61 0.54
N LEU A 665 39.35 7.37 1.47
CA LEU A 665 39.16 6.01 2.02
C LEU A 665 38.74 5.04 0.93
N ALA A 666 38.22 5.50 -0.19
CA ALA A 666 37.79 4.57 -1.23
C ALA A 666 38.98 3.97 -1.99
N LYS A 667 40.15 4.61 -1.94
CA LYS A 667 41.31 4.22 -2.76
C LYS A 667 42.27 3.34 -1.96
N ILE A 668 42.03 3.14 -0.67
CA ILE A 668 42.95 2.32 0.14
C ILE A 668 42.53 0.86 0.03
N SER A 671 46.12 -2.55 -0.95
CA SER A 671 47.33 -2.24 -0.13
C SER A 671 48.40 -1.60 -0.98
N SER A 672 48.48 -1.95 -2.26
CA SER A 672 49.47 -1.31 -3.14
C SER A 672 49.35 0.21 -2.98
N SER A 673 48.13 0.70 -2.78
CA SER A 673 47.93 2.16 -2.56
C SER A 673 48.68 2.57 -1.29
N THR A 674 49.78 3.32 -1.48
CA THR A 674 50.74 3.89 -0.47
C THR A 674 50.38 3.56 0.99
N LYS A 675 51.06 2.56 1.57
CA LYS A 675 50.81 2.13 2.97
C LYS A 675 51.58 3.00 3.95
N GLU A 676 51.14 4.25 4.13
CA GLU A 676 51.75 5.23 5.08
C GLU A 676 50.68 6.28 5.40
N ASP A 677 50.38 7.13 4.43
CA ASP A 677 49.33 8.16 4.49
C ASP A 677 48.08 7.61 5.16
N LEU A 678 48.11 6.39 5.68
CA LEU A 678 46.95 5.86 6.43
C LEU A 678 46.67 6.67 7.68
N LEU A 679 47.69 6.90 8.50
CA LEU A 679 47.48 7.67 9.74
C LEU A 679 47.18 9.11 9.44
N ARG A 680 47.62 9.64 8.32
CA ARG A 680 47.27 11.01 7.88
C ARG A 680 45.77 11.10 7.67
N LEU A 681 45.16 10.07 7.11
CA LEU A 681 43.70 10.05 6.96
C LEU A 681 43.02 9.95 8.33
N LYS A 682 43.62 9.26 9.27
CA LYS A 682 43.06 9.17 10.63
C LYS A 682 43.08 10.53 11.32
N LYS A 683 44.12 11.30 11.11
CA LYS A 683 44.17 12.68 11.72
C LYS A 683 43.02 13.53 11.19
N GLN A 684 42.79 13.45 9.90
CA GLN A 684 41.63 14.13 9.27
C GLN A 684 40.35 13.63 9.88
N MET A 685 40.12 12.33 9.84
CA MET A 685 38.92 11.75 10.47
C MET A 685 38.82 12.17 11.94
N ARG A 686 39.94 12.14 12.67
CA ARG A 686 39.88 12.40 14.10
C ARG A 686 39.56 13.86 14.39
N VAL A 687 40.17 14.77 13.65
CA VAL A 687 39.95 16.21 13.90
C VAL A 687 38.61 16.59 13.34
N PHE A 688 38.13 16.01 12.25
CA PHE A 688 36.77 16.30 11.77
C PHE A 688 35.74 15.85 12.81
N CYS A 689 35.92 14.70 13.40
CA CYS A 689 35.02 14.21 14.45
C CYS A 689 34.94 15.18 15.61
N GLN A 690 36.03 15.85 15.93
CA GLN A 690 36.05 16.87 16.99
C GLN A 690 35.40 18.16 16.51
N ILE A 691 35.51 18.44 15.21
CA ILE A 691 34.83 19.63 14.63
C ILE A 691 33.32 19.49 14.80
N CYS A 692 32.77 18.36 14.38
CA CYS A 692 31.32 18.12 14.45
C CYS A 692 30.87 18.02 15.90
N GLN A 693 31.76 17.74 16.82
CA GLN A 693 31.37 17.70 18.25
C GLN A 693 31.08 19.12 18.73
N HIS A 694 31.85 20.11 18.31
CA HIS A 694 31.59 21.50 18.71
C HIS A 694 30.44 22.10 17.92
N TYR A 695 30.21 21.62 16.71
CA TYR A 695 29.14 22.14 15.86
C TYR A 695 27.80 21.50 16.21
N LEU A 696 27.82 20.28 16.72
CA LEU A 696 26.59 19.62 17.17
C LEU A 696 25.97 20.34 18.37
N THR A 697 26.75 21.12 19.08
CA THR A 697 26.34 21.89 20.28
C THR A 697 25.87 23.29 19.90
N ASN A 698 25.93 23.65 18.63
CA ASN A 698 25.55 25.00 18.16
C ASN A 698 24.08 25.29 18.46
N VAL A 699 23.73 26.58 18.49
CA VAL A 699 22.32 26.97 18.67
C VAL A 699 21.52 26.84 17.37
N ASN A 700 22.21 26.75 16.23
CA ASN A 700 21.50 26.63 14.94
C ASN A 700 20.89 25.24 14.83
N THR A 701 19.59 25.17 14.54
CA THR A 701 18.92 23.88 14.42
C THR A 701 19.41 23.14 13.18
N THR A 702 19.51 23.82 12.06
CA THR A 702 19.91 23.13 10.81
C THR A 702 21.36 22.66 10.89
N VAL A 703 22.21 23.42 11.57
CA VAL A 703 23.67 23.09 11.59
C VAL A 703 23.89 21.83 12.41
N LYS A 704 23.14 21.66 13.49
CA LYS A 704 23.20 20.39 14.24
C LYS A 704 22.71 19.23 13.39
N GLU A 705 21.67 19.47 12.60
CA GLU A 705 21.09 18.39 11.76
C GLU A 705 22.15 17.78 10.84
N GLN A 706 22.90 18.62 10.13
CA GLN A 706 23.97 18.14 9.24
C GLN A 706 25.17 17.66 10.04
N ALA A 707 25.50 18.26 11.17
CA ALA A 707 26.63 17.76 11.96
C ALA A 707 26.33 16.38 12.54
N PHE A 708 25.17 16.24 13.18
CA PHE A 708 24.73 14.97 13.75
C PHE A 708 24.63 13.90 12.67
N THR A 709 24.13 14.27 11.51
CA THR A 709 23.95 13.32 10.40
C THR A 709 25.32 12.81 9.95
N ILE A 710 26.27 13.71 9.78
CA ILE A 710 27.61 13.29 9.31
C ILE A 710 28.29 12.43 10.38
N LEU A 711 28.03 12.73 11.63
CA LEU A 711 28.58 11.92 12.74
C LEU A 711 28.06 10.49 12.66
N CYS A 712 26.75 10.32 12.63
CA CYS A 712 26.14 8.98 12.67
C CYS A 712 26.50 8.15 11.45
N ASP A 713 26.90 8.79 10.36
CA ASP A 713 27.34 8.09 9.15
C ASP A 713 28.82 7.82 9.21
N ILE A 714 29.57 8.76 9.77
CA ILE A 714 31.05 8.55 9.94
C ILE A 714 31.30 7.43 10.95
N LEU A 715 30.73 7.58 12.15
CA LEU A 715 30.93 6.59 13.22
C LEU A 715 30.56 5.20 12.73
N MET A 716 29.70 5.09 11.71
CA MET A 716 29.37 3.76 11.18
C MET A 716 30.50 3.21 10.31
N ILE A 717 31.08 4.07 9.49
CA ILE A 717 32.07 3.59 8.48
C ILE A 717 33.40 3.24 9.18
N PHE A 718 33.93 4.18 9.94
CA PHE A 718 35.16 3.95 10.72
C PHE A 718 34.67 3.31 11.99
N SER A 719 34.37 2.03 11.96
CA SER A 719 33.84 1.32 13.15
C SER A 719 34.43 -0.08 13.12
N HIS A 720 34.10 -0.90 14.11
CA HIS A 720 34.66 -2.25 14.22
C HIS A 720 34.49 -3.03 12.90
N GLN A 721 33.34 -2.86 12.27
CA GLN A 721 33.01 -3.53 11.02
C GLN A 721 33.85 -3.21 9.78
N ILE A 722 34.77 -2.26 9.83
CA ILE A 722 35.56 -1.87 8.65
C ILE A 722 36.44 -3.01 8.17
N MET A 723 36.53 -4.07 8.97
CA MET A 723 37.23 -5.31 8.63
C MET A 723 36.36 -6.54 8.86
N SER A 724 35.08 -6.28 9.11
CA SER A 724 34.07 -7.32 9.39
C SER A 724 34.17 -8.51 8.42
N GLY A 725 34.12 -8.20 7.13
CA GLY A 725 34.18 -9.22 6.08
C GLY A 725 35.57 -9.65 5.65
N GLY A 726 36.21 -8.80 4.84
CA GLY A 726 37.61 -8.96 4.47
C GLY A 726 38.40 -7.83 5.08
N ARG A 727 39.24 -7.23 4.22
CA ARG A 727 40.07 -6.03 4.51
C ARG A 727 40.54 -6.01 5.97
N ASP A 728 41.43 -6.93 6.32
CA ASP A 728 42.02 -6.97 7.69
C ASP A 728 43.01 -5.81 7.78
N MET A 729 43.64 -5.48 6.64
CA MET A 729 44.58 -4.36 6.51
C MET A 729 43.89 -3.04 6.88
N LEU A 730 42.58 -2.88 6.67
CA LEU A 730 42.08 -1.52 7.07
C LEU A 730 41.67 -1.46 8.54
N GLU A 731 42.54 -1.96 9.42
CA GLU A 731 42.29 -2.06 10.86
C GLU A 731 42.97 -0.94 11.66
N PRO A 732 44.10 -0.37 11.21
CA PRO A 732 44.76 0.70 11.95
C PRO A 732 43.75 1.82 12.25
N LEU A 733 43.08 2.29 11.20
CA LEU A 733 42.04 3.34 11.34
C LEU A 733 41.15 2.83 12.44
N VAL A 734 41.19 3.49 13.58
CA VAL A 734 40.50 3.03 14.80
C VAL A 734 39.83 4.24 15.44
N TYR A 735 38.50 4.29 15.36
CA TYR A 735 37.72 5.27 16.13
C TYR A 735 36.64 4.56 16.93
N THR A 736 36.46 4.98 18.18
CA THR A 736 35.33 4.60 19.06
C THR A 736 34.87 5.86 19.76
N PRO A 737 33.56 6.17 19.77
CA PRO A 737 33.10 7.45 20.33
C PRO A 737 33.38 7.64 21.82
N ASP A 738 33.60 8.90 22.17
CA ASP A 738 33.75 9.30 23.58
C ASP A 738 32.52 8.89 24.40
N SER A 739 32.69 8.75 25.70
CA SER A 739 31.52 8.66 26.61
C SER A 739 30.84 10.01 26.56
N SER A 740 31.58 11.04 26.19
CA SER A 740 31.05 12.41 26.02
C SER A 740 30.34 12.53 24.68
N LEU A 741 30.95 12.06 23.61
CA LEU A 741 30.33 12.19 22.28
C LEU A 741 29.06 11.33 22.21
N GLN A 742 28.97 10.28 23.01
CA GLN A 742 27.74 9.45 23.00
C GLN A 742 26.57 10.19 23.62
N SER A 743 26.72 10.74 24.81
CA SER A 743 25.64 11.43 25.50
C SER A 743 25.28 12.72 24.80
N GLU A 744 26.21 13.30 24.05
CA GLU A 744 25.93 14.52 23.25
C GLU A 744 25.15 14.14 22.00
N LEU A 745 25.33 12.92 21.50
CA LEU A 745 24.54 12.45 20.35
C LEU A 745 23.14 12.08 20.80
N LEU A 746 23.01 11.39 21.92
CA LEU A 746 21.68 10.96 22.39
C LEU A 746 20.85 12.18 22.79
N SER A 747 21.46 13.15 23.45
CA SER A 747 20.72 14.37 23.83
C SER A 747 20.19 15.09 22.60
N PHE A 748 20.79 14.90 21.45
CA PHE A 748 20.22 15.43 20.20
C PHE A 748 18.93 14.70 19.84
N ILE A 749 18.93 13.39 19.97
CA ILE A 749 17.68 12.59 19.73
C ILE A 749 16.57 13.06 20.66
N LEU A 750 16.90 13.46 21.88
CA LEU A 750 15.84 13.76 22.87
C LEU A 750 15.22 15.14 22.59
N ASP A 751 16.01 16.10 22.18
CA ASP A 751 15.52 17.48 22.00
C ASP A 751 14.91 17.69 20.61
N HIS A 752 15.30 16.92 19.61
CA HIS A 752 14.97 17.22 18.20
C HIS A 752 14.25 16.10 17.46
N VAL A 753 13.96 14.97 18.10
CA VAL A 753 13.17 13.89 17.46
C VAL A 753 11.93 13.61 18.30
N PHE A 754 12.06 13.62 19.61
CA PHE A 754 10.92 13.39 20.52
C PHE A 754 10.41 14.75 21.02
N ILE A 755 9.79 15.48 20.11
CA ILE A 755 9.22 16.81 20.36
C ILE A 755 7.78 16.63 20.81
N GLU A 756 7.17 17.71 21.26
CA GLU A 756 5.78 17.67 21.73
C GLU A 756 4.81 17.30 20.60
N GLN A 757 3.67 16.73 20.99
CA GLN A 757 2.69 16.18 20.02
C GLN A 757 1.34 16.90 20.09
N GLN A 768 4.31 23.28 8.57
CA GLN A 768 3.93 24.68 8.21
C GLN A 768 2.74 24.67 7.24
N GLU A 769 2.82 23.86 6.18
CA GLU A 769 1.86 23.88 5.04
C GLU A 769 1.06 22.59 5.00
N ASP A 770 -0.03 22.57 5.75
CA ASP A 770 -0.99 21.44 5.74
C ASP A 770 -0.27 20.14 6.04
N GLU A 771 -0.62 19.04 5.37
CA GLU A 771 -0.02 17.75 5.70
C GLU A 771 1.13 17.40 4.79
N ALA A 772 1.35 18.15 3.72
CA ALA A 772 2.44 17.85 2.79
C ALA A 772 3.79 18.20 3.40
N SER A 773 3.81 18.99 4.45
CA SER A 773 5.07 19.43 5.09
C SER A 773 5.41 18.62 6.33
N LYS A 774 4.43 18.30 7.16
CA LYS A 774 4.72 17.58 8.42
C LYS A 774 5.20 16.16 8.11
N ILE A 775 4.65 15.53 7.08
CA ILE A 775 5.11 14.18 6.67
C ILE A 775 6.55 14.27 6.16
N GLU A 776 6.86 15.34 5.46
CA GLU A 776 8.26 15.65 5.10
C GLU A 776 9.08 15.85 6.35
N ALA A 777 8.53 16.42 7.38
CA ALA A 777 9.27 16.65 8.64
C ALA A 777 9.48 15.34 9.38
N LEU A 778 8.41 14.58 9.54
CA LEU A 778 8.54 13.27 10.20
C LEU A 778 9.51 12.35 9.46
N HIS A 779 9.40 12.28 8.16
CA HIS A 779 10.33 11.47 7.34
C HIS A 779 11.75 11.98 7.49
N LYS A 780 11.95 13.25 7.81
CA LYS A 780 13.31 13.66 8.27
C LYS A 780 13.62 13.18 9.68
N ARG A 781 12.71 13.40 10.61
CA ARG A 781 12.97 13.00 12.01
C ARG A 781 13.14 11.49 12.07
N ARG A 782 12.50 10.73 11.19
CA ARG A 782 12.65 9.28 11.21
C ARG A 782 14.01 8.88 10.68
N ASN A 783 14.51 9.58 9.69
CA ASN A 783 15.84 9.27 9.14
C ASN A 783 16.92 9.51 10.21
N LEU A 784 16.67 10.50 11.07
CA LEU A 784 17.64 10.76 12.17
C LEU A 784 17.62 9.63 13.20
N LEU A 785 16.47 9.28 13.72
CA LEU A 785 16.36 8.21 14.73
C LEU A 785 16.79 6.89 14.11
N ALA A 786 16.69 6.75 12.80
CA ALA A 786 17.25 5.56 12.13
C ALA A 786 18.77 5.58 12.22
N ALA A 787 19.42 6.73 12.04
CA ALA A 787 20.89 6.75 11.96
C ALA A 787 21.51 6.54 13.33
N PHE A 788 20.82 6.93 14.39
CA PHE A 788 21.32 6.70 15.76
C PHE A 788 21.05 5.27 16.17
N CYS A 789 19.87 4.71 15.81
CA CYS A 789 19.59 3.29 16.08
C CYS A 789 20.42 2.39 15.16
N LYS A 790 21.02 2.94 14.12
CA LYS A 790 22.07 2.20 13.38
C LYS A 790 23.25 1.94 14.30
N LEU A 791 23.53 2.88 15.20
CA LEU A 791 24.70 2.76 16.08
C LEU A 791 24.41 1.77 17.20
N ILE A 792 23.20 1.73 17.71
CA ILE A 792 22.89 0.91 18.89
C ILE A 792 22.93 -0.57 18.50
N VAL A 793 22.22 -0.95 17.46
CA VAL A 793 22.20 -2.38 17.10
C VAL A 793 23.65 -2.77 16.91
N TYR A 794 24.47 -1.92 16.29
CA TYR A 794 25.76 -2.28 15.70
C TYR A 794 26.93 -2.02 16.64
N THR A 795 26.65 -1.90 17.93
CA THR A 795 27.69 -1.82 18.97
C THR A 795 28.63 -0.63 18.75
N VAL A 796 28.19 0.43 18.13
CA VAL A 796 29.03 1.63 18.02
C VAL A 796 28.95 2.43 19.32
N VAL A 797 27.87 2.32 20.06
CA VAL A 797 27.75 2.96 21.39
C VAL A 797 27.24 1.88 22.33
N GLU A 798 27.42 2.08 23.62
CA GLU A 798 26.94 1.09 24.61
C GLU A 798 25.40 1.03 24.57
N MET A 799 24.89 -0.16 24.77
CA MET A 799 23.46 -0.46 24.50
C MET A 799 22.56 0.16 25.55
N ASN A 800 23.07 0.48 26.73
CA ASN A 800 22.25 1.10 27.77
C ASN A 800 21.71 2.45 27.30
N THR A 801 22.30 3.08 26.31
CA THR A 801 21.72 4.34 25.76
C THR A 801 20.32 4.12 25.21
N ALA A 802 20.00 2.93 24.75
CA ALA A 802 18.71 2.64 24.08
C ALA A 802 17.54 2.65 25.04
N ALA A 803 17.73 3.03 26.31
CA ALA A 803 16.64 3.04 27.30
C ALA A 803 15.87 4.35 27.19
N ASP A 804 16.51 5.47 26.91
CA ASP A 804 15.76 6.73 26.73
C ASP A 804 14.95 6.73 25.44
N ILE A 805 15.13 5.72 24.59
CA ILE A 805 14.35 5.58 23.35
C ILE A 805 13.30 4.48 23.48
N PHE A 806 13.58 3.39 24.19
CA PHE A 806 12.58 2.34 24.37
C PHE A 806 11.38 2.82 25.17
N LYS A 807 11.60 3.74 26.09
CA LYS A 807 10.51 4.26 26.95
C LYS A 807 9.47 5.03 26.15
N GLN A 808 9.74 5.30 24.88
CA GLN A 808 8.82 6.06 24.01
C GLN A 808 8.04 5.16 23.07
N TYR A 809 8.22 3.85 23.14
CA TYR A 809 7.66 2.89 22.19
C TYR A 809 6.14 3.00 22.15
N MET A 810 5.49 3.23 23.29
CA MET A 810 4.02 3.36 23.29
C MET A 810 3.59 4.81 23.28
N LYS A 811 4.52 5.74 23.24
CA LYS A 811 4.16 7.16 23.07
C LYS A 811 4.17 7.57 21.60
N TYR A 812 5.21 7.19 20.88
CA TYR A 812 5.37 7.52 19.45
C TYR A 812 5.30 6.24 18.63
N TYR A 813 4.25 5.46 18.78
CA TYR A 813 4.07 4.21 18.05
C TYR A 813 3.83 4.49 16.57
N ASN A 814 3.05 5.50 16.26
CA ASN A 814 2.80 5.84 14.83
C ASN A 814 4.05 6.47 14.21
N ASP A 815 4.52 7.52 14.87
CA ASP A 815 5.66 8.33 14.41
C ASP A 815 6.96 7.56 14.27
N TYR A 816 7.44 7.04 15.39
CA TYR A 816 8.75 6.33 15.46
C TYR A 816 8.60 4.92 16.01
N GLY A 817 7.38 4.39 16.12
CA GLY A 817 7.23 3.06 16.71
C GLY A 817 7.92 1.97 15.91
N ASP A 818 7.76 1.99 14.61
CA ASP A 818 8.30 0.91 13.77
C ASP A 818 9.81 0.83 13.89
N ILE A 819 10.49 1.92 14.18
CA ILE A 819 11.97 1.88 14.30
C ILE A 819 12.34 1.30 15.67
N ILE A 820 11.58 1.63 16.70
CA ILE A 820 11.91 1.15 18.06
C ILE A 820 11.81 -0.38 18.12
N LYS A 821 10.66 -0.93 17.79
CA LYS A 821 10.50 -2.39 17.83
C LYS A 821 11.39 -3.09 16.82
N GLU A 822 12.12 -2.35 16.02
CA GLU A 822 13.09 -3.00 15.10
C GLU A 822 14.49 -2.99 15.71
N THR A 823 14.88 -1.89 16.31
CA THR A 823 16.13 -1.78 17.05
C THR A 823 16.06 -2.63 18.32
N MET A 824 14.88 -2.76 18.91
CA MET A 824 14.74 -3.50 20.18
C MET A 824 14.82 -5.01 19.95
N SER A 825 14.22 -5.49 18.86
CA SER A 825 14.22 -6.94 18.58
C SER A 825 15.58 -7.39 18.05
N LYS A 826 16.37 -6.49 17.49
CA LYS A 826 17.71 -6.86 17.02
C LYS A 826 18.72 -6.83 18.16
N THR A 827 18.47 -6.03 19.18
CA THR A 827 19.33 -6.01 20.38
C THR A 827 19.10 -7.28 21.19
N ARG A 828 17.86 -7.71 21.27
CA ARG A 828 17.56 -8.99 21.95
C ARG A 828 18.33 -10.11 21.29
N GLN A 829 18.48 -10.08 19.99
CA GLN A 829 19.23 -11.08 19.22
C GLN A 829 20.72 -10.80 19.20
N ILE A 830 21.20 -9.84 19.97
CA ILE A 830 22.66 -9.61 20.13
C ILE A 830 23.10 -10.01 21.54
N ASP A 831 22.40 -9.49 22.54
CA ASP A 831 22.68 -9.72 23.97
C ASP A 831 21.34 -9.90 24.67
N LYS A 832 20.92 -11.15 24.73
CA LYS A 832 19.58 -11.53 25.26
C LYS A 832 19.39 -10.96 26.66
N ILE A 833 20.46 -10.96 27.44
CA ILE A 833 20.34 -10.63 28.88
C ILE A 833 20.48 -9.12 29.09
N GLN A 834 21.46 -8.50 28.45
CA GLN A 834 21.67 -7.07 28.74
C GLN A 834 20.52 -6.23 28.21
N CYS A 835 19.72 -6.77 27.30
CA CYS A 835 18.50 -6.09 26.84
C CYS A 835 17.53 -5.91 28.01
N ALA A 836 17.30 -6.99 28.74
CA ALA A 836 16.44 -6.93 29.92
C ALA A 836 16.95 -5.89 30.92
N LYS A 837 18.25 -5.60 30.88
CA LYS A 837 18.86 -4.61 31.78
C LYS A 837 18.68 -3.19 31.27
N THR A 838 18.26 -3.01 30.03
CA THR A 838 17.94 -1.68 29.49
C THR A 838 16.44 -1.50 29.38
N LEU A 839 15.70 -2.55 29.03
CA LEU A 839 14.22 -2.53 29.05
C LEU A 839 13.76 -2.04 30.41
N ILE A 840 14.37 -2.54 31.48
CA ILE A 840 13.99 -2.07 32.83
C ILE A 840 14.55 -0.68 33.09
N LEU A 841 15.72 -0.35 32.52
CA LEU A 841 16.27 1.01 32.68
C LEU A 841 15.32 2.02 32.05
N SER A 842 14.63 1.62 31.01
CA SER A 842 13.61 2.48 30.41
C SER A 842 12.42 2.58 31.37
N LEU A 843 12.04 1.45 31.97
CA LEU A 843 10.94 1.47 32.96
C LEU A 843 11.40 2.19 34.22
N GLN A 844 12.67 2.02 34.61
CA GLN A 844 13.21 2.75 35.76
C GLN A 844 13.23 4.25 35.49
N GLN A 845 13.46 4.66 34.26
CA GLN A 845 13.56 6.09 33.95
C GLN A 845 12.23 6.71 33.66
N LEU A 846 11.19 5.89 33.42
CA LEU A 846 9.81 6.41 33.36
C LEU A 846 9.17 6.41 34.74
N PHE A 847 9.82 5.86 35.75
CA PHE A 847 9.32 5.91 37.13
C PHE A 847 9.78 7.17 37.84
N ASN A 848 11.07 7.49 37.75
CA ASN A 848 11.52 8.79 38.29
C ASN A 848 11.17 9.94 37.35
N GLU A 849 10.82 9.63 36.10
CA GLU A 849 10.17 10.63 35.22
C GLU A 849 8.82 11.02 35.79
N MET A 850 8.20 10.12 36.55
CA MET A 850 6.89 10.39 37.18
C MET A 850 7.07 11.24 38.42
N ILE A 851 7.77 10.70 39.43
CA ILE A 851 7.91 11.40 40.72
C ILE A 851 8.53 12.78 40.54
N GLN A 852 9.27 13.00 39.45
CA GLN A 852 9.93 14.28 39.18
C GLN A 852 8.90 15.41 39.07
N GLU A 853 7.66 15.10 38.74
CA GLU A 853 6.65 16.15 38.58
C GLU A 853 5.30 15.72 39.18
N ASN A 854 5.33 14.71 40.04
CA ASN A 854 4.22 14.35 40.97
C ASN A 854 4.72 14.44 42.44
N GLY A 855 5.38 13.40 42.93
CA GLY A 855 5.88 13.30 44.30
C GLY A 855 5.65 11.85 44.69
N TYR A 856 6.29 11.32 45.72
CA TYR A 856 6.26 9.86 45.97
C TYR A 856 4.88 9.37 46.41
N ASN A 857 3.90 10.26 46.57
CA ASN A 857 2.60 9.87 47.12
C ASN A 857 1.57 9.71 45.98
N PHE A 858 2.01 9.71 44.73
CA PHE A 858 1.11 9.71 43.56
C PHE A 858 0.18 8.47 43.60
N ASP A 859 -0.96 8.62 42.96
CA ASP A 859 -1.95 7.52 42.77
C ASP A 859 -1.30 6.41 41.94
N ARG A 860 -1.33 5.18 42.45
CA ARG A 860 -0.72 4.00 41.77
C ARG A 860 -1.78 3.23 40.98
N SER A 861 -2.53 3.93 40.12
CA SER A 861 -3.60 3.33 39.27
C SER A 861 -4.03 4.33 38.20
N SER A 862 -3.45 5.55 38.25
CA SER A 862 -3.74 6.66 37.31
C SER A 862 -3.35 6.26 35.88
N SER A 863 -4.08 6.78 34.89
CA SER A 863 -3.78 6.36 33.50
C SER A 863 -2.32 6.62 33.12
N THR A 864 -1.65 7.50 33.85
CA THR A 864 -0.20 7.69 33.71
C THR A 864 0.52 6.43 34.18
N PHE A 865 0.22 5.97 35.38
CA PHE A 865 0.81 4.72 35.90
C PHE A 865 0.33 3.53 35.09
N SER A 866 -0.96 3.48 34.80
CA SER A 866 -1.52 2.33 34.06
C SER A 866 -0.81 2.08 32.74
N GLY A 867 -0.34 3.16 32.11
CA GLY A 867 0.39 3.03 30.85
C GLY A 867 1.73 2.38 31.06
N ILE A 868 2.48 2.83 32.05
CA ILE A 868 3.74 2.15 32.42
C ILE A 868 3.47 0.68 32.77
N LYS A 869 2.35 0.40 33.41
CA LYS A 869 1.94 -0.98 33.69
C LYS A 869 1.65 -1.68 32.39
N GLU A 870 1.04 -1.03 31.41
CA GLU A 870 0.79 -1.66 30.12
C GLU A 870 2.11 -1.76 29.34
N LEU A 871 2.98 -0.76 29.49
CA LEU A 871 4.30 -0.87 28.83
C LEU A 871 5.08 -2.06 29.33
N ALA A 872 4.87 -2.47 30.57
CA ALA A 872 5.51 -3.65 31.11
C ALA A 872 4.90 -4.89 30.48
N ARG A 873 3.59 -4.95 30.33
CA ARG A 873 2.99 -6.13 29.72
C ARG A 873 3.52 -6.32 28.30
N ARG A 874 3.59 -5.25 27.53
CA ARG A 874 4.12 -5.30 26.15
C ARG A 874 5.62 -5.56 26.20
N PHE A 875 6.32 -5.24 27.28
CA PHE A 875 7.76 -5.55 27.37
C PHE A 875 7.99 -7.01 27.65
N ALA A 876 7.28 -7.61 28.59
CA ALA A 876 7.50 -9.04 28.91
C ALA A 876 7.17 -9.95 27.73
N LEU A 877 6.37 -9.47 26.77
CA LEU A 877 5.99 -10.29 25.59
C LEU A 877 7.16 -10.36 24.60
N THR A 878 8.32 -9.76 24.87
CA THR A 878 9.52 -9.94 24.02
C THR A 878 10.15 -11.29 24.27
N PHE A 879 9.62 -12.07 25.20
CA PHE A 879 10.21 -13.39 25.53
C PHE A 879 9.20 -14.53 25.35
N LEU A 884 15.31 -21.43 23.81
CA LEU A 884 14.92 -20.02 23.49
C LEU A 884 15.84 -19.05 24.22
N LYS A 885 16.49 -19.54 25.27
CA LYS A 885 17.47 -18.80 26.09
C LYS A 885 16.86 -17.61 26.81
N THR A 886 15.54 -17.50 26.80
CA THR A 886 14.86 -16.37 27.43
C THR A 886 14.63 -16.65 28.92
N ARG A 887 15.64 -17.19 29.57
CA ARG A 887 15.55 -17.59 30.99
C ARG A 887 16.53 -16.82 31.88
N GLU A 888 17.82 -16.80 31.52
CA GLU A 888 18.84 -16.08 32.29
C GLU A 888 18.60 -14.58 32.22
N ALA A 889 17.87 -14.14 31.21
CA ALA A 889 17.59 -12.69 31.04
C ALA A 889 16.50 -12.24 32.00
N ILE A 890 15.39 -12.96 32.02
CA ILE A 890 14.24 -12.56 32.89
C ILE A 890 14.64 -12.61 34.36
N ALA A 891 15.61 -13.45 34.70
CA ALA A 891 16.08 -13.50 36.09
C ALA A 891 16.76 -12.20 36.51
N MET A 892 17.82 -11.85 35.83
CA MET A 892 18.55 -10.59 36.08
C MET A 892 17.67 -9.36 35.86
N LEU A 893 16.57 -9.49 35.11
CA LEU A 893 15.64 -8.33 35.00
C LEU A 893 14.91 -8.10 36.30
N HIS A 894 14.44 -9.14 36.96
CA HIS A 894 13.81 -8.99 38.28
C HIS A 894 14.83 -8.44 39.25
N LYS A 895 16.03 -8.97 39.20
CA LYS A 895 17.06 -8.58 40.19
C LYS A 895 17.40 -7.08 40.06
N ASP A 896 17.46 -6.56 38.84
CA ASP A 896 17.67 -5.11 38.67
C ASP A 896 16.40 -4.35 39.01
N GLY A 897 15.25 -5.00 39.04
CA GLY A 897 14.01 -4.30 39.42
C GLY A 897 13.84 -4.25 40.93
N ILE A 898 14.15 -5.36 41.59
CA ILE A 898 14.06 -5.46 43.06
C ILE A 898 15.12 -4.56 43.71
N GLU A 899 16.35 -4.68 43.23
CA GLU A 899 17.48 -3.92 43.81
C GLU A 899 17.31 -2.42 43.63
N PHE A 900 16.37 -2.01 42.81
CA PHE A 900 16.03 -0.59 42.61
C PHE A 900 14.79 -0.21 43.42
N ALA A 901 13.85 -1.10 43.60
CA ALA A 901 12.61 -0.81 44.32
C ALA A 901 12.88 -0.42 45.77
N PHE A 902 13.97 -0.92 46.35
CA PHE A 902 14.36 -0.55 47.73
C PHE A 902 15.62 0.28 47.72
N LYS A 903 16.10 0.75 46.58
CA LYS A 903 17.43 1.38 46.48
C LYS A 903 17.54 2.61 47.35
N GLU A 904 16.42 3.13 47.84
CA GLU A 904 16.38 4.27 48.77
C GLU A 904 15.38 3.92 49.86
N PRO A 905 15.75 3.95 51.15
CA PRO A 905 14.79 3.71 52.23
C PRO A 905 14.01 4.97 52.61
N ASN A 906 12.83 4.76 53.22
CA ASN A 906 12.05 5.90 53.73
C ASN A 906 12.87 6.62 54.80
N PRO A 907 13.30 7.90 54.63
CA PRO A 907 13.97 8.61 55.72
C PRO A 907 13.08 8.84 56.95
N GLN A 908 11.79 8.59 56.85
CA GLN A 908 10.86 8.85 57.97
C GLN A 908 9.67 7.92 57.83
N GLY A 909 9.65 6.84 58.59
CA GLY A 909 8.57 5.87 58.52
C GLY A 909 9.05 4.51 58.93
N GLU A 910 8.32 3.49 58.53
CA GLU A 910 8.50 2.13 59.07
C GLU A 910 9.82 1.51 58.62
N PRO A 914 9.24 3.15 53.53
CA PRO A 914 10.33 2.97 52.49
C PRO A 914 10.16 3.88 51.27
N LEU A 915 10.87 3.55 50.19
CA LEU A 915 10.72 4.25 48.89
C LEU A 915 10.95 3.29 47.73
N ASN A 916 10.20 3.53 46.65
CA ASN A 916 10.30 2.83 45.34
C ASN A 916 9.55 1.50 45.34
N LEU A 917 8.65 1.31 46.30
CA LEU A 917 7.84 0.09 46.39
C LEU A 917 6.97 -0.08 45.16
N ALA A 918 6.45 1.00 44.59
CA ALA A 918 5.48 0.96 43.50
C ALA A 918 6.04 0.23 42.27
N PHE A 919 7.36 0.17 42.14
CA PHE A 919 7.97 -0.43 40.94
C PHE A 919 7.67 -1.92 40.81
N LEU A 920 6.97 -2.50 41.77
CA LEU A 920 6.75 -3.94 41.76
C LEU A 920 5.40 -4.36 41.22
N ASP A 921 4.38 -3.53 41.32
CA ASP A 921 3.16 -3.79 40.54
C ASP A 921 3.40 -3.55 39.06
N ILE A 922 4.45 -2.83 38.73
CA ILE A 922 4.97 -2.75 37.35
C ILE A 922 5.64 -4.07 37.00
N LEU A 923 6.59 -4.50 37.82
CA LEU A 923 7.41 -5.69 37.52
C LEU A 923 6.58 -6.95 37.57
N SER A 924 5.44 -6.93 38.23
CA SER A 924 4.58 -8.12 38.35
C SER A 924 4.19 -8.66 36.97
N GLU A 925 4.17 -7.78 35.97
CA GLU A 925 3.75 -8.15 34.62
C GLU A 925 4.80 -9.05 33.96
N PHE A 926 6.02 -9.06 34.47
CA PHE A 926 7.07 -9.93 33.92
C PHE A 926 7.01 -11.32 34.50
N SER A 927 6.43 -11.50 35.67
CA SER A 927 6.45 -12.79 36.37
C SER A 927 5.69 -13.84 35.59
N SER A 928 4.71 -13.47 34.78
CA SER A 928 4.01 -14.46 33.94
C SER A 928 4.96 -15.31 33.09
N LYS A 929 5.81 -14.63 32.32
CA LYS A 929 6.74 -15.35 31.43
C LYS A 929 7.89 -16.03 32.16
N LEU A 930 8.09 -15.75 33.44
CA LEU A 930 9.06 -16.47 34.27
C LEU A 930 8.72 -17.94 34.47
N LEU A 931 9.77 -18.69 34.77
CA LEU A 931 9.73 -20.16 34.82
C LEU A 931 9.14 -20.63 36.15
N ARG A 932 8.58 -21.83 36.10
CA ARG A 932 8.00 -22.47 37.30
C ARG A 932 9.07 -22.79 38.34
N GLN A 933 10.31 -22.98 37.92
CA GLN A 933 11.42 -23.24 38.82
C GLN A 933 12.02 -21.96 39.38
N ASP A 934 11.60 -20.81 38.90
CA ASP A 934 12.17 -19.52 39.33
C ASP A 934 11.26 -18.85 40.33
N LYS A 935 10.04 -19.35 40.56
CA LYS A 935 9.27 -18.98 41.76
C LYS A 935 10.17 -19.03 42.99
N ARG A 936 10.93 -20.12 43.10
CA ARG A 936 11.96 -20.28 44.17
C ARG A 936 13.11 -19.34 43.85
N THR A 937 13.76 -19.55 42.70
CA THR A 937 15.07 -18.92 42.37
C THR A 937 15.16 -17.47 42.84
N VAL A 938 14.14 -16.68 42.54
CA VAL A 938 14.21 -15.22 42.71
C VAL A 938 13.58 -14.78 44.01
N TYR A 939 12.74 -15.57 44.63
CA TYR A 939 12.09 -15.16 45.87
C TYR A 939 13.09 -15.02 47.02
N VAL A 940 14.11 -15.86 47.06
CA VAL A 940 15.18 -15.71 48.08
C VAL A 940 16.06 -14.52 47.73
N TYR A 941 16.34 -14.30 46.46
CA TYR A 941 17.00 -13.03 46.05
C TYR A 941 16.07 -11.87 46.38
N LEU A 942 14.77 -12.09 46.38
CA LEU A 942 13.80 -11.10 46.90
C LEU A 942 13.89 -11.03 48.41
N GLU A 943 13.90 -12.17 49.08
CA GLU A 943 14.05 -12.21 50.54
C GLU A 943 15.44 -11.71 50.97
N LYS A 944 16.34 -11.51 50.04
CA LYS A 944 17.61 -10.81 50.33
C LYS A 944 17.32 -9.41 50.85
N PHE A 945 16.13 -8.89 50.56
CA PHE A 945 15.72 -7.57 51.05
C PHE A 945 14.37 -7.43 51.74
N MET A 946 13.43 -8.35 51.51
CA MET A 946 12.15 -8.41 52.20
C MET A 946 12.32 -9.17 53.52
N THR A 947 12.03 -8.51 54.64
CA THR A 947 12.21 -9.06 55.99
C THR A 947 10.91 -9.77 56.40
N PHE A 948 10.90 -10.38 57.56
CA PHE A 948 9.69 -11.09 58.08
C PHE A 948 8.63 -10.03 58.47
N GLN A 949 9.05 -8.84 58.86
CA GLN A 949 8.08 -7.79 59.31
C GLN A 949 7.33 -7.21 58.09
N MET A 950 7.98 -7.11 56.94
CA MET A 950 7.34 -6.48 55.75
C MET A 950 6.20 -7.37 55.27
N SER A 951 6.42 -8.70 55.29
CA SER A 951 5.38 -9.67 54.86
C SER A 951 4.36 -9.88 55.98
N LEU A 952 3.88 -8.80 56.59
CA LEU A 952 2.89 -8.88 57.69
C LEU A 952 1.66 -8.04 57.33
N VAL A 957 -0.81 1.13 50.96
CA VAL A 957 0.47 1.74 51.40
C VAL A 957 1.56 0.69 51.15
N TRP A 958 1.19 -0.58 51.11
CA TRP A 958 2.14 -1.67 50.89
C TRP A 958 1.56 -2.64 49.85
N LEU A 959 0.42 -2.34 49.24
CA LEU A 959 -0.20 -3.19 48.20
C LEU A 959 0.80 -3.56 47.12
N PRO A 960 1.64 -2.62 46.59
CA PRO A 960 2.61 -2.99 45.57
C PRO A 960 3.44 -4.23 45.86
N LEU A 961 3.86 -4.40 47.09
CA LEU A 961 4.74 -5.53 47.45
C LEU A 961 3.93 -6.83 47.56
N MET A 962 2.68 -6.76 48.00
CA MET A 962 1.87 -7.97 48.21
C MET A 962 1.47 -8.56 46.86
N SER A 963 1.38 -7.76 45.82
CA SER A 963 1.02 -8.24 44.47
C SER A 963 2.21 -8.88 43.80
N TYR A 964 3.42 -8.44 44.13
CA TYR A 964 4.63 -8.99 43.50
C TYR A 964 4.81 -10.45 43.90
N ARG A 965 4.76 -10.74 45.20
CA ARG A 965 4.89 -12.10 45.69
C ARG A 965 3.73 -12.94 45.20
N ASN A 966 2.55 -12.36 45.07
CA ASN A 966 1.33 -13.07 44.68
C ASN A 966 1.39 -13.57 43.25
N SER A 967 2.40 -13.19 42.48
CA SER A 967 2.60 -13.66 41.11
C SER A 967 3.46 -14.91 41.11
N LEU A 968 3.96 -15.35 42.26
CA LEU A 968 4.85 -16.50 42.30
C LEU A 968 4.04 -17.75 42.69
N ARG B 43 -23.46 -29.27 20.59
CA ARG B 43 -23.68 -29.12 19.09
C ARG B 43 -22.94 -27.90 18.61
N LYS B 44 -21.99 -28.09 17.70
CA LYS B 44 -21.28 -26.92 17.12
C LYS B 44 -21.99 -26.39 15.88
N LEU B 45 -23.15 -26.94 15.56
CA LEU B 45 -23.91 -26.58 14.36
C LEU B 45 -24.28 -25.11 14.42
N ILE B 46 -23.92 -24.40 13.37
CA ILE B 46 -24.21 -22.94 13.30
C ILE B 46 -25.72 -22.75 13.13
N VAL B 47 -26.37 -22.28 14.18
CA VAL B 47 -27.78 -21.84 14.13
C VAL B 47 -27.81 -20.32 14.32
N ASP B 48 -28.42 -19.65 13.37
CA ASP B 48 -28.61 -18.19 13.42
C ASP B 48 -29.91 -17.90 14.15
N SER B 49 -29.81 -17.12 15.21
CA SER B 49 -30.99 -16.72 16.01
C SER B 49 -31.75 -15.62 15.29
N VAL B 50 -31.09 -14.86 14.42
CA VAL B 50 -31.79 -13.85 13.57
C VAL B 50 -31.48 -14.11 12.11
N LYS B 51 -32.50 -14.36 11.29
CA LYS B 51 -32.32 -14.69 9.87
C LYS B 51 -32.27 -13.45 8.98
N GLU B 52 -33.23 -12.56 9.11
CA GLU B 52 -33.38 -11.43 8.18
C GLU B 52 -32.97 -10.12 8.84
N LEU B 53 -32.74 -9.16 7.99
CA LEU B 53 -32.52 -7.76 8.43
C LEU B 53 -33.83 -7.02 8.32
N ASP B 54 -34.16 -6.27 9.37
CA ASP B 54 -35.51 -5.69 9.51
C ASP B 54 -35.69 -4.46 8.64
N SER B 55 -36.93 -4.15 8.32
CA SER B 55 -37.28 -3.05 7.41
C SER B 55 -36.59 -1.77 7.84
N LYS B 56 -36.44 -1.59 9.13
CA LYS B 56 -35.93 -0.30 9.63
C LYS B 56 -34.43 -0.20 9.40
N THR B 57 -33.70 -1.28 9.61
CA THR B 57 -32.24 -1.21 9.49
C THR B 57 -31.80 -1.27 8.04
N ILE B 58 -32.73 -1.34 7.10
CA ILE B 58 -32.41 -1.15 5.66
C ILE B 58 -32.74 0.29 5.26
N ARG B 59 -33.79 0.86 5.82
CA ARG B 59 -34.01 2.30 5.59
C ARG B 59 -32.87 3.14 6.12
N ALA B 60 -32.19 2.64 7.15
CA ALA B 60 -31.02 3.35 7.71
C ALA B 60 -29.82 3.23 6.76
N GLN B 61 -29.64 2.07 6.17
CA GLN B 61 -28.55 1.80 5.24
C GLN B 61 -28.66 2.67 3.99
N LEU B 62 -29.89 2.87 3.50
CA LEU B 62 -30.12 3.70 2.32
C LEU B 62 -29.89 5.17 2.60
N SER B 63 -30.14 5.59 3.85
CA SER B 63 -30.08 7.01 4.23
C SER B 63 -28.70 7.40 4.75
N ASP B 64 -27.83 6.46 5.07
CA ASP B 64 -26.54 6.83 5.65
C ASP B 64 -25.44 5.86 5.24
N TYR B 65 -24.95 6.02 4.02
CA TYR B 65 -23.84 5.21 3.50
C TYR B 65 -22.49 5.82 3.90
N SER B 66 -22.49 6.70 4.88
CA SER B 66 -21.29 7.50 5.20
C SER B 66 -20.18 6.66 5.81
N ASP B 67 -20.51 5.52 6.39
CA ASP B 67 -19.54 4.66 7.07
C ASP B 67 -18.90 3.67 6.13
N ILE B 68 -19.32 3.63 4.87
CA ILE B 68 -18.74 2.76 3.83
C ILE B 68 -18.05 3.52 2.71
N VAL B 69 -18.07 4.85 2.78
CA VAL B 69 -17.25 5.70 1.89
C VAL B 69 -16.13 6.31 2.71
N THR B 70 -15.17 6.87 2.00
CA THR B 70 -13.92 7.36 2.62
C THR B 70 -13.42 8.57 1.85
N THR B 71 -12.21 8.99 2.21
CA THR B 71 -11.51 10.08 1.53
C THR B 71 -10.43 9.49 0.66
N LEU B 72 -9.81 10.32 -0.14
CA LEU B 72 -8.87 9.89 -1.18
C LEU B 72 -7.49 9.64 -0.56
N ASP B 73 -7.01 8.44 -0.74
CA ASP B 73 -5.65 8.09 -0.30
C ASP B 73 -4.69 8.59 -1.38
N LEU B 74 -4.27 9.83 -1.27
CA LEU B 74 -3.37 10.41 -2.30
C LEU B 74 -2.05 9.68 -2.33
N ALA B 75 -1.54 9.40 -3.53
CA ALA B 75 -0.14 8.99 -3.68
C ALA B 75 0.75 10.18 -3.37
N PRO B 76 2.05 9.95 -3.05
CA PRO B 76 2.92 11.04 -2.67
C PRO B 76 2.55 12.22 -3.55
N PRO B 77 2.21 13.38 -2.97
CA PRO B 77 2.01 14.57 -3.79
C PRO B 77 3.25 15.33 -4.27
N THR B 78 4.34 15.28 -3.48
CA THR B 78 5.55 16.06 -3.79
C THR B 78 6.69 15.14 -4.19
N LYS B 79 7.58 15.68 -5.00
CA LYS B 79 8.72 14.91 -5.54
C LYS B 79 9.52 14.30 -4.40
N LYS B 80 9.79 15.06 -3.35
CA LYS B 80 10.65 14.55 -2.25
C LYS B 80 9.90 13.49 -1.45
N LEU B 81 8.58 13.67 -1.32
CA LEU B 81 7.77 12.69 -0.57
C LEU B 81 7.77 11.35 -1.29
N MET B 82 8.10 11.32 -2.56
CA MET B 82 8.28 10.03 -3.25
C MET B 82 9.61 9.40 -2.87
N MET B 83 10.67 10.19 -2.84
CA MET B 83 11.99 9.67 -2.42
C MET B 83 11.94 9.07 -1.02
N TRP B 84 11.41 9.82 -0.05
CA TRP B 84 11.36 9.36 1.36
C TRP B 84 10.36 8.22 1.55
N LYS B 85 9.50 7.94 0.57
CA LYS B 85 8.65 6.75 0.68
C LYS B 85 9.47 5.55 0.22
N GLU B 86 10.35 5.73 -0.76
CA GLU B 86 11.21 4.61 -1.22
C GLU B 86 12.31 4.30 -0.21
N THR B 87 12.82 5.33 0.45
CA THR B 87 13.90 5.22 1.44
C THR B 87 13.33 5.36 2.86
N GLY B 88 12.09 4.95 3.06
CA GLY B 88 11.51 4.88 4.40
C GLY B 88 11.35 3.47 4.89
N GLY B 89 10.68 3.30 6.02
CA GLY B 89 10.53 1.97 6.59
C GLY B 89 11.86 1.52 7.14
N VAL B 90 11.83 0.54 8.00
CA VAL B 90 13.05 0.10 8.73
C VAL B 90 14.04 -0.54 7.76
N GLU B 91 13.53 -1.31 6.81
CA GLU B 91 14.40 -2.09 5.90
C GLU B 91 15.36 -1.18 5.17
N LYS B 92 14.87 -0.14 4.49
CA LYS B 92 15.76 0.75 3.75
C LYS B 92 16.46 1.75 4.66
N LEU B 93 15.88 2.06 5.81
CA LEU B 93 16.53 3.05 6.70
C LEU B 93 17.80 2.47 7.33
N PHE B 94 17.72 1.30 7.91
CA PHE B 94 18.86 0.68 8.61
C PHE B 94 19.96 0.28 7.65
N SER B 95 19.66 0.18 6.35
CA SER B 95 20.61 -0.33 5.35
C SER B 95 21.13 0.78 4.42
N LEU B 96 20.84 2.04 4.75
CA LEU B 96 21.30 3.16 3.95
C LEU B 96 21.80 4.25 4.89
N PRO B 97 22.74 5.09 4.44
CA PRO B 97 23.26 6.16 5.28
C PRO B 97 22.19 7.20 5.61
N ALA B 98 22.51 8.07 6.55
CA ALA B 98 21.70 9.28 6.79
C ALA B 98 22.00 10.29 5.68
N GLN B 99 23.25 10.73 5.58
CA GLN B 99 23.68 11.66 4.54
C GLN B 99 23.78 10.88 3.25
N PRO B 100 22.95 11.20 2.22
CA PRO B 100 22.95 10.39 1.00
C PRO B 100 24.27 10.43 0.25
N LEU B 101 24.72 9.25 -0.17
CA LEU B 101 25.96 9.10 -0.96
C LEU B 101 25.58 8.75 -2.39
N TRP B 102 26.03 9.57 -3.33
CA TRP B 102 25.57 9.46 -4.73
C TRP B 102 26.40 8.45 -5.50
N ASN B 103 27.72 8.49 -5.33
CA ASN B 103 28.61 7.56 -6.04
C ASN B 103 28.60 6.21 -5.33
N ASN B 104 28.62 5.17 -6.14
CA ASN B 104 28.44 3.79 -5.62
C ASN B 104 29.62 3.37 -4.74
N ARG B 105 30.82 3.80 -5.09
CA ARG B 105 32.04 3.41 -4.34
C ARG B 105 32.01 4.00 -2.93
N LEU B 106 31.45 5.19 -2.79
CA LEU B 106 31.25 5.79 -1.45
C LEU B 106 30.17 5.02 -0.69
N LEU B 107 29.10 4.58 -1.37
CA LEU B 107 28.05 3.82 -0.65
C LEU B 107 28.62 2.52 -0.11
N LYS B 108 29.46 1.86 -0.87
CA LYS B 108 29.97 0.54 -0.49
C LYS B 108 30.68 0.60 0.86
N LEU B 109 31.44 1.66 1.07
CA LEU B 109 32.14 1.83 2.36
C LEU B 109 31.12 1.78 3.50
N PHE B 110 29.93 2.31 3.27
CA PHE B 110 28.89 2.29 4.30
C PHE B 110 28.18 0.94 4.36
N THR B 111 28.08 0.26 3.23
CA THR B 111 27.43 -1.06 3.16
C THR B 111 28.44 -2.18 3.35
N ARG B 112 29.73 -1.87 3.36
CA ARG B 112 30.73 -2.90 3.73
C ARG B 112 30.65 -3.24 5.21
N CYS B 113 30.28 -2.26 6.02
CA CYS B 113 30.26 -2.37 7.50
C CYS B 113 28.91 -2.88 8.03
N LEU B 114 28.23 -3.75 7.27
CA LEU B 114 26.87 -4.20 7.64
C LEU B 114 26.75 -5.71 7.42
N THR B 115 27.04 -6.45 8.48
CA THR B 115 26.89 -7.92 8.52
C THR B 115 27.61 -8.57 7.33
N ILE C 1 -40.16 7.02 -9.92
CA ILE C 1 -39.08 6.61 -8.92
C ILE C 1 -39.77 6.39 -7.55
N ASP C 2 -40.96 5.79 -7.60
CA ASP C 2 -41.79 5.42 -6.41
C ASP C 2 -41.59 3.91 -6.13
N VAL C 3 -41.23 3.13 -7.16
CA VAL C 3 -41.01 1.67 -7.04
C VAL C 3 -39.73 1.47 -6.21
N PHE C 4 -38.73 2.32 -6.49
CA PHE C 4 -37.42 2.36 -5.80
C PHE C 4 -37.57 2.70 -4.31
N ASP C 5 -38.51 3.57 -3.97
CA ASP C 5 -38.72 4.03 -2.57
C ASP C 5 -39.16 2.80 -1.75
N PHE C 6 -38.45 2.51 -0.67
CA PHE C 6 -38.76 1.34 0.21
C PHE C 6 -40.17 1.52 0.81
N PRO C 7 -40.96 0.43 0.96
CA PRO C 7 -42.30 0.53 1.53
C PRO C 7 -42.26 0.62 3.06
N ASP C 8 -43.40 0.96 3.68
CA ASP C 8 -43.49 1.08 5.16
C ASP C 8 -43.59 -0.32 5.78
N ASN C 9 -44.40 -1.20 5.19
CA ASN C 9 -44.57 -2.59 5.70
C ASN C 9 -44.92 -2.53 7.20
#